data_6JDV
#
_entry.id   6JDV
#
_cell.length_a   130.541
_cell.length_b   158.340
_cell.length_c   118.253
_cell.angle_alpha   90.00
_cell.angle_beta   90.00
_cell.angle_gamma   90.00
#
_symmetry.space_group_name_H-M   'P 21 21 2'
#
loop_
_entity.id
_entity.type
_entity.pdbx_description
1 polymer 'CRISPR-associated endonuclease Cas9'
2 polymer sgRNA
3 polymer 'target DNA strand'
4 polymer 'non-target DNA strand'
5 non-polymer 'MAGNESIUM ION'
6 non-polymer 1,2-ETHANEDIOL
7 water water
#
loop_
_entity_poly.entity_id
_entity_poly.type
_entity_poly.pdbx_seq_one_letter_code
_entity_poly.pdbx_strand_id
1 'polypeptide(L)'
;SMAAFKPNSINYILGLDIGIASVGWAMVEIDEEENPIRLIDLGVRVFERAEVPKTGDSLAMARRLARSVRRLTRRRAHRL
LRTRRLLKREGVLQAANFDENGLIKSLPNTPWQLRAAALDRKLTPLEWSAVLLHLIKHRGYLSQRKNEGETADKELGALL
KGVAGNAHALQTGDFRTPAELALNKFEKESGHIRNQRSDYSHTFSRKDLQAELILLFEKQKEFGNPHVSGGLKEGIETLL
MTQRPALSGDAVQKMLGHCTFEPAEPKAAKNTYTAERFIWLTKLNNLRILEQGSERPLTDTERATLMDEPYRKSKLTYAQ
ARKLLGLEDTAFFKGLRYGKDNAEASTLMEMKAYHAISRALEKEGLKDKKSPLNLSPELQDEIGTAFSLFKTDEDITGRL
KDRIQPEILEALLKHISFDKFVQISLKALRRIVPLMEQGKRYDEACAEIYGDHYGKKNTEEKIYLPPIPADEIRNPVVLR
ALSQARKVINGVVRRYGSPARIHIETAREVGKSFKDRKEIEKRQEENRKDREKAAAKFREYFPNFVGEPKSKDILKLRLY
EQQHGKCLYSGKEINLGRLNEKGYVEIDAALPFSRTWDDSFNNKVLVLGSENQNKGNQTPYEYFNGKDNSREWQEFKARV
ETSRFPRSKKQRILLQKFDEDGFKERNLNDTRYVNRFLCQFVADRMRLTGKGKKRVFASNGQITNLLRGFWGLRKVRAEN
DRHHALDAVVVACSTVAMQQKITRFVRYKEMNAFDGKTIDKETGEVLHQKTHFPQPWEFFAQEVMIRVFGKPDGKPEFEE
ADTLEKLRTLLAEKLSSRPEAVHEYVTPLFVSRAPNRKMSGQGHMETVKSAKRLDEGVSVLRVPLTQLKLKDLEKMVNRE
REPKLYEALKARLEAHKDDPAKAFAEPFYKYDKAGNRTQQVKAVRVEQVQKTGVWVRNHNGIADNATMVRVDVFEKGDKY
YLVPIYSWQVAKGILPDRAVVQGKDEEDWQLIDDSFNFKFSLHPNDLVEVITKKARMFGYFASCHRGTGNINIRIHDLDH
KIGKNGILEGIGVKTALSFQKYQIDELGKEIRPCRLKKRPPVR
;
A
2 'polyribonucleotide'
;GGUCACUCUGCUAUUUAACUUUACGUUGUAGCUCCCUUUCUCAUUUCGGAAACGAAAUGAGAACCGUUGCUACAAUAAGG
CCGUCUGAAAAGAUGUGCCGCAACGCUCUGCCCCUUAAAGCUCCUGCUUUAAGGGGCAUCGUUUAUC
;
B
3 'polydeoxyribonucleotide'
;(DT)(DA)(DA)(DA)(DA)(DT)(DC)(DA)(DT)(DA)(DT)(DG)(DT)(DA)(DA)(DA)(DG)(DT)(DT)(DA)
(DA)(DA)(DT)(DA)(DG)(DC)(DA)(DG)(DA)(DG)(DT)(DG)(DA)(DC)(DC)
;
C
4 'polydeoxyribonucleotide' (DA)(DT)(DA)(DT)(DG)(DA)(DT)(DT)(DT)(DT)(DA) D
#
loop_
_chem_comp.id
_chem_comp.type
_chem_comp.name
_chem_comp.formula
A RNA linking ADENOSINE-5'-MONOPHOSPHATE 'C10 H14 N5 O7 P'
C RNA linking CYTIDINE-5'-MONOPHOSPHATE 'C9 H14 N3 O8 P'
DA DNA linking 2'-DEOXYADENOSINE-5'-MONOPHOSPHATE 'C10 H14 N5 O6 P'
DC DNA linking 2'-DEOXYCYTIDINE-5'-MONOPHOSPHATE 'C9 H14 N3 O7 P'
DG DNA linking 2'-DEOXYGUANOSINE-5'-MONOPHOSPHATE 'C10 H14 N5 O7 P'
DT DNA linking THYMIDINE-5'-MONOPHOSPHATE 'C10 H15 N2 O8 P'
EDO non-polymer 1,2-ETHANEDIOL 'C2 H6 O2'
G RNA linking GUANOSINE-5'-MONOPHOSPHATE 'C10 H14 N5 O8 P'
MG non-polymer 'MAGNESIUM ION' 'Mg 2'
U RNA linking URIDINE-5'-MONOPHOSPHATE 'C9 H13 N2 O9 P'
#
# COMPACT_ATOMS: atom_id res chain seq x y z
N SER A 9 5.44 45.62 0.64
CA SER A 9 4.50 44.53 0.44
C SER A 9 3.62 44.30 1.67
N ILE A 10 3.82 43.15 2.35
CA ILE A 10 3.06 42.73 3.53
C ILE A 10 3.76 41.53 4.19
N ASN A 11 3.71 41.52 5.51
CA ASN A 11 4.36 40.57 6.35
C ASN A 11 3.37 39.66 6.94
N TYR A 12 3.42 38.42 6.51
CA TYR A 12 2.47 37.47 7.02
C TYR A 12 3.13 36.22 7.41
N ILE A 13 2.36 35.36 8.02
CA ILE A 13 2.85 34.07 8.39
C ILE A 13 1.95 33.13 7.65
N LEU A 14 2.53 32.18 6.96
CA LEU A 14 1.75 31.21 6.18
C LEU A 14 1.59 29.89 6.94
N GLY A 15 0.35 29.51 7.25
CA GLY A 15 0.07 28.26 7.93
C GLY A 15 -0.50 27.19 7.01
N LEU A 16 -0.10 25.95 7.25
CA LEU A 16 -0.40 24.82 6.37
C LEU A 16 -0.88 23.61 7.16
N ASP A 17 -2.09 23.13 6.80
CA ASP A 17 -2.65 21.84 7.19
C ASP A 17 -2.64 20.95 5.95
N ILE A 18 -1.64 20.08 5.84
CA ILE A 18 -1.47 19.26 4.66
C ILE A 18 -1.88 17.83 5.01
N GLY A 19 -2.71 17.23 4.16
CA GLY A 19 -3.13 15.86 4.30
C GLY A 19 -2.83 15.06 3.05
N ILE A 20 -3.27 13.81 3.07
CA ILE A 20 -3.11 12.92 1.94
C ILE A 20 -3.84 13.45 0.71
N ALA A 21 -4.82 14.33 0.90
CA ALA A 21 -5.67 14.79 -0.17
C ALA A 21 -5.89 16.31 -0.23
N SER A 22 -5.54 17.04 0.82
CA SER A 22 -5.88 18.46 0.88
C SER A 22 -4.72 19.27 1.45
N VAL A 23 -4.68 20.54 1.05
CA VAL A 23 -3.76 21.54 1.58
C VAL A 23 -4.63 22.72 2.01
N GLY A 24 -4.89 22.84 3.31
CA GLY A 24 -5.51 24.04 3.84
C GLY A 24 -4.42 25.05 4.17
N TRP A 25 -4.57 26.25 3.66
CA TRP A 25 -3.54 27.28 3.80
C TRP A 25 -4.17 28.57 4.31
N ALA A 26 -3.39 29.30 5.12
CA ALA A 26 -3.88 30.54 5.70
C ALA A 26 -2.74 31.54 5.85
N MET A 27 -3.10 32.82 5.97
CA MET A 27 -2.15 33.93 6.09
C MET A 27 -2.54 34.82 7.25
N VAL A 28 -1.55 35.25 8.01
CA VAL A 28 -1.77 36.11 9.13
C VAL A 28 -0.67 37.13 9.06
N GLU A 29 -1.06 38.38 9.23
CA GLU A 29 -0.13 39.49 9.17
C GLU A 29 0.42 39.62 10.52
N ILE A 30 1.70 39.86 10.58
CA ILE A 30 2.28 40.00 11.87
C ILE A 30 2.96 41.32 11.95
N ASP A 31 3.25 41.78 13.15
CA ASP A 31 3.90 43.04 13.25
C ASP A 31 5.38 42.90 13.30
N GLU A 32 6.04 44.00 13.58
CA GLU A 32 7.49 44.00 13.67
C GLU A 32 7.93 43.22 14.85
N GLU A 33 7.00 42.91 15.74
CA GLU A 33 7.33 42.06 16.83
C GLU A 33 6.84 40.63 16.54
N GLU A 34 6.44 40.40 15.30
CA GLU A 34 5.97 39.15 14.78
C GLU A 34 4.81 38.51 15.42
N ASN A 35 3.96 39.25 16.09
CA ASN A 35 2.80 38.63 16.63
C ASN A 35 1.73 38.68 15.58
N PRO A 36 0.67 37.96 15.79
CA PRO A 36 -0.35 37.90 14.78
C PRO A 36 -1.28 39.02 15.04
N ILE A 37 -1.83 39.58 13.99
CA ILE A 37 -2.77 40.65 14.17
C ILE A 37 -3.90 40.62 13.19
N ARG A 38 -3.69 40.12 12.01
CA ARG A 38 -4.75 40.13 11.04
C ARG A 38 -4.75 38.89 10.20
N LEU A 39 -5.93 38.43 9.84
CA LEU A 39 -6.12 37.28 9.01
C LEU A 39 -6.22 37.87 7.65
N ILE A 40 -5.23 37.63 6.82
CA ILE A 40 -5.17 38.23 5.48
C ILE A 40 -5.97 37.42 4.46
N ASP A 41 -5.72 36.11 4.36
CA ASP A 41 -6.33 35.30 3.31
C ASP A 41 -6.27 33.84 3.72
N LEU A 42 -7.03 33.00 3.02
CA LEU A 42 -7.07 31.58 3.33
C LEU A 42 -7.70 30.82 2.17
N GLY A 43 -7.47 29.52 2.14
CA GLY A 43 -8.00 28.69 1.08
C GLY A 43 -7.79 27.22 1.34
N VAL A 44 -8.42 26.40 0.50
CA VAL A 44 -8.32 24.95 0.58
C VAL A 44 -8.08 24.42 -0.83
N ARG A 45 -6.96 23.74 -1.02
CA ARG A 45 -6.63 23.06 -2.26
C ARG A 45 -6.92 21.57 -2.10
N VAL A 46 -7.90 21.07 -2.83
CA VAL A 46 -8.26 19.65 -2.78
C VAL A 46 -7.74 19.01 -4.06
N PHE A 47 -6.66 18.25 -3.93
CA PHE A 47 -5.94 17.69 -5.06
C PHE A 47 -6.08 16.18 -5.18
N GLU A 48 -6.99 15.55 -4.44
CA GLU A 48 -7.08 14.11 -4.52
C GLU A 48 -7.73 13.70 -5.85
N ARG A 49 -7.91 12.41 -6.02
CA ARG A 49 -8.59 11.86 -7.18
C ARG A 49 -9.69 10.94 -6.66
N ALA A 50 -10.63 10.59 -7.53
CA ALA A 50 -11.73 9.73 -7.11
C ALA A 50 -11.20 8.45 -6.48
N GLU A 51 -11.71 8.13 -5.29
CA GLU A 51 -11.24 6.99 -4.50
C GLU A 51 -11.45 5.54 -4.91
N ASP A 57 -6.18 -0.06 -2.10
CA ASP A 57 -4.74 -0.02 -1.91
C ASP A 57 -4.21 1.32 -2.33
N SER A 58 -3.88 1.41 -3.60
CA SER A 58 -3.36 2.61 -4.20
C SER A 58 -3.58 2.54 -5.69
N LEU A 59 -3.34 3.63 -6.39
CA LEU A 59 -3.53 3.58 -7.81
C LEU A 59 -2.25 3.01 -8.34
N ALA A 60 -1.17 3.39 -7.72
CA ALA A 60 0.13 2.87 -8.11
C ALA A 60 0.26 1.39 -7.75
N MET A 61 -0.29 0.99 -6.60
CA MET A 61 -0.29 -0.43 -6.26
C MET A 61 -1.09 -1.23 -7.29
N ALA A 62 -2.26 -0.74 -7.67
CA ALA A 62 -3.07 -1.43 -8.66
C ALA A 62 -2.34 -1.51 -9.99
N ARG A 63 -1.67 -0.42 -10.39
CA ARG A 63 -0.86 -0.43 -11.59
C ARG A 63 0.25 -1.48 -11.51
N ARG A 64 0.92 -1.56 -10.36
CA ARG A 64 1.99 -2.55 -10.20
C ARG A 64 1.47 -3.97 -10.32
N LEU A 65 0.34 -4.26 -9.65
CA LEU A 65 -0.22 -5.60 -9.72
C LEU A 65 -0.66 -5.95 -11.14
N ALA A 66 -1.26 -4.98 -11.86
CA ALA A 66 -1.63 -5.22 -13.24
C ALA A 66 -0.41 -5.51 -14.10
N ARG A 67 0.69 -4.76 -13.88
CA ARG A 67 1.91 -5.01 -14.63
C ARG A 67 2.48 -6.39 -14.32
N SER A 68 2.45 -6.80 -13.06
CA SER A 68 2.96 -8.11 -12.69
C SER A 68 2.15 -9.22 -13.31
N VAL A 69 0.82 -9.08 -13.34
CA VAL A 69 0.01 -10.13 -13.95
C VAL A 69 0.16 -10.11 -15.45
N ARG A 70 0.40 -8.94 -16.05
CA ARG A 70 0.74 -8.90 -17.47
C ARG A 70 1.99 -9.74 -17.74
N ARG A 71 3.02 -9.53 -16.93
CA ARG A 71 4.27 -10.27 -17.12
C ARG A 71 4.05 -11.77 -16.90
N LEU A 72 3.24 -12.14 -15.92
CA LEU A 72 3.00 -13.56 -15.67
C LEU A 72 2.27 -14.22 -16.85
N THR A 73 1.17 -13.61 -17.29
CA THR A 73 0.44 -14.12 -18.44
C THR A 73 1.35 -14.25 -19.65
N ARG A 74 2.12 -13.19 -19.93
CA ARG A 74 2.97 -13.15 -21.10
C ARG A 74 4.07 -14.20 -21.04
N ARG A 75 4.65 -14.43 -19.86
CA ARG A 75 5.71 -15.42 -19.76
C ARG A 75 5.18 -16.84 -19.86
N ARG A 76 3.99 -17.11 -19.30
CA ARG A 76 3.42 -18.45 -19.52
C ARG A 76 3.14 -18.68 -20.99
N ALA A 77 2.49 -17.72 -21.65
CA ALA A 77 2.22 -17.86 -23.07
C ALA A 77 3.51 -18.08 -23.85
N HIS A 78 4.57 -17.36 -23.46
CA HIS A 78 5.82 -17.48 -24.18
C HIS A 78 6.46 -18.85 -23.98
N ARG A 79 6.44 -19.37 -22.75
CA ARG A 79 7.06 -20.67 -22.54
C ARG A 79 6.24 -21.79 -23.17
N LEU A 80 4.90 -21.64 -23.22
CA LEU A 80 4.10 -22.65 -23.89
C LEU A 80 4.30 -22.61 -25.41
N LEU A 81 4.44 -21.41 -25.97
CA LEU A 81 4.83 -21.28 -27.37
C LEU A 81 6.17 -21.97 -27.63
N ARG A 82 7.15 -21.68 -26.79
CA ARG A 82 8.46 -22.32 -26.91
C ARG A 82 8.35 -23.83 -26.78
N THR A 83 7.43 -24.32 -25.95
CA THR A 83 7.26 -25.76 -25.78
C THR A 83 6.69 -26.40 -27.04
N ARG A 84 5.68 -25.79 -27.63
CA ARG A 84 5.17 -26.28 -28.91
C ARG A 84 6.27 -26.30 -29.97
N ARG A 85 7.07 -25.23 -30.02
CA ARG A 85 8.17 -25.18 -30.97
C ARG A 85 9.13 -26.34 -30.75
N LEU A 86 9.65 -26.47 -29.52
CA LEU A 86 10.50 -27.60 -29.16
C LEU A 86 9.91 -28.92 -29.59
N LEU A 87 8.60 -29.12 -29.38
CA LEU A 87 7.95 -30.35 -29.82
C LEU A 87 8.06 -30.52 -31.32
N LYS A 88 7.98 -29.41 -32.08
CA LYS A 88 8.14 -29.55 -33.53
C LYS A 88 9.59 -29.87 -33.90
N ARG A 89 10.57 -29.22 -33.26
CA ARG A 89 11.96 -29.38 -33.67
C ARG A 89 12.49 -30.76 -33.32
N GLU A 90 12.07 -31.32 -32.19
CA GLU A 90 12.44 -32.69 -31.83
C GLU A 90 11.65 -33.74 -32.58
N GLY A 91 10.89 -33.34 -33.61
CA GLY A 91 10.14 -34.28 -34.41
C GLY A 91 8.97 -34.93 -33.72
N VAL A 92 8.56 -34.43 -32.54
CA VAL A 92 7.42 -34.99 -31.85
C VAL A 92 6.15 -34.71 -32.64
N LEU A 93 6.00 -33.50 -33.16
CA LEU A 93 4.89 -33.12 -34.01
C LEU A 93 5.43 -32.66 -35.36
N GLN A 94 4.63 -32.84 -36.41
CA GLN A 94 5.17 -32.88 -37.76
C GLN A 94 4.49 -31.88 -38.70
N ALA A 95 3.95 -30.79 -38.14
CA ALA A 95 3.49 -29.63 -38.89
C ALA A 95 2.24 -29.91 -39.71
N ALA A 96 1.87 -31.19 -39.81
CA ALA A 96 0.49 -31.53 -40.10
C ALA A 96 -0.34 -31.52 -38.83
N ASN A 97 0.32 -31.35 -37.67
CA ASN A 97 -0.32 -31.28 -36.38
C ASN A 97 -0.73 -29.88 -35.98
N PHE A 98 -0.09 -28.86 -36.53
CA PHE A 98 -0.43 -27.49 -36.16
C PHE A 98 -1.34 -26.87 -37.20
N ASP A 99 -1.96 -25.78 -36.81
CA ASP A 99 -2.85 -25.01 -37.65
C ASP A 99 -2.27 -23.62 -37.88
N GLU A 100 -3.07 -22.79 -38.53
CA GLU A 100 -2.77 -21.39 -38.83
C GLU A 100 -2.26 -20.62 -37.61
N ASN A 101 -2.79 -20.92 -36.43
CA ASN A 101 -2.46 -20.21 -35.18
C ASN A 101 -1.26 -20.80 -34.45
N GLY A 102 -0.64 -21.85 -34.99
CA GLY A 102 0.43 -22.50 -34.27
C GLY A 102 -0.01 -23.39 -33.14
N LEU A 103 -1.31 -23.68 -33.05
CA LEU A 103 -1.85 -24.57 -32.04
C LEU A 103 -1.89 -25.99 -32.58
N ILE A 104 -2.05 -26.95 -31.66
CA ILE A 104 -1.97 -28.37 -32.01
C ILE A 104 -3.37 -28.90 -32.30
N LYS A 105 -3.57 -29.37 -33.53
CA LYS A 105 -4.87 -29.90 -33.91
C LYS A 105 -5.11 -31.25 -33.25
N SER A 106 -6.35 -31.49 -32.84
CA SER A 106 -6.77 -32.73 -32.19
C SER A 106 -5.93 -33.03 -30.95
N LEU A 107 -5.48 -31.99 -30.27
CA LEU A 107 -4.76 -32.15 -29.02
C LEU A 107 -5.70 -32.72 -27.96
N PRO A 108 -5.43 -33.92 -27.43
CA PRO A 108 -6.38 -34.54 -26.49
C PRO A 108 -6.53 -33.73 -25.21
N ASN A 109 -7.70 -33.79 -24.61
CA ASN A 109 -7.95 -33.04 -23.41
C ASN A 109 -7.99 -33.85 -22.18
N THR A 110 -7.26 -34.93 -22.16
CA THR A 110 -7.20 -35.79 -20.98
C THR A 110 -5.80 -35.86 -20.37
N PRO A 111 -5.15 -34.72 -20.10
CA PRO A 111 -3.73 -34.80 -19.70
C PRO A 111 -3.51 -35.42 -18.35
N TRP A 112 -4.45 -35.33 -17.42
CA TRP A 112 -4.28 -36.02 -16.14
C TRP A 112 -4.30 -37.53 -16.32
N GLN A 113 -5.30 -38.02 -17.05
CA GLN A 113 -5.36 -39.45 -17.37
C GLN A 113 -4.15 -39.89 -18.17
N LEU A 114 -3.66 -39.04 -19.08
CA LEU A 114 -2.50 -39.40 -19.87
C LEU A 114 -1.22 -39.41 -19.04
N ARG A 115 -1.10 -38.46 -18.10
CA ARG A 115 0.02 -38.46 -17.17
C ARG A 115 0.01 -39.70 -16.28
N ALA A 116 -1.18 -40.21 -15.94
CA ALA A 116 -1.25 -41.44 -15.17
C ALA A 116 -0.93 -42.65 -16.06
N ALA A 117 -1.37 -42.63 -17.32
CA ALA A 117 -1.16 -43.77 -18.20
C ALA A 117 0.28 -43.87 -18.67
N ALA A 118 0.99 -42.73 -18.72
CA ALA A 118 2.39 -42.75 -19.15
C ALA A 118 3.26 -43.56 -18.21
N LEU A 119 2.78 -43.85 -17.00
CA LEU A 119 3.47 -44.74 -16.09
C LEU A 119 3.36 -46.19 -16.52
N ASP A 120 2.46 -46.51 -17.45
CA ASP A 120 2.13 -47.90 -17.76
C ASP A 120 2.03 -48.22 -19.24
N ARG A 121 2.17 -47.25 -20.15
CA ARG A 121 2.08 -47.57 -21.57
C ARG A 121 2.74 -46.47 -22.39
N LYS A 122 2.92 -46.77 -23.67
CA LYS A 122 3.34 -45.79 -24.65
C LYS A 122 2.23 -44.79 -24.93
N LEU A 123 2.61 -43.55 -25.20
CA LEU A 123 1.68 -42.50 -25.58
C LEU A 123 1.85 -42.09 -27.04
N THR A 124 0.73 -41.76 -27.65
CA THR A 124 0.65 -41.10 -28.96
C THR A 124 1.50 -39.85 -28.92
N PRO A 125 2.16 -39.47 -30.02
CA PRO A 125 2.78 -38.13 -30.06
C PRO A 125 1.86 -37.02 -29.62
N LEU A 126 0.57 -37.09 -29.98
CA LEU A 126 -0.39 -36.09 -29.51
C LEU A 126 -0.61 -36.21 -27.99
N GLU A 127 -0.78 -37.44 -27.50
CA GLU A 127 -0.95 -37.65 -26.06
C GLU A 127 0.24 -37.12 -25.29
N TRP A 128 1.45 -37.46 -25.76
CA TRP A 128 2.67 -37.08 -25.06
C TRP A 128 2.90 -35.58 -25.11
N SER A 129 2.58 -34.95 -26.26
CA SER A 129 2.64 -33.50 -26.35
C SER A 129 1.65 -32.85 -25.38
N ALA A 130 0.46 -33.42 -25.27
CA ALA A 130 -0.52 -32.89 -24.33
C ALA A 130 -0.01 -32.97 -22.90
N VAL A 131 0.61 -34.11 -22.55
CA VAL A 131 1.20 -34.27 -21.22
C VAL A 131 2.25 -33.19 -20.95
N LEU A 132 3.16 -33.00 -21.89
CA LEU A 132 4.25 -32.05 -21.67
C LEU A 132 3.72 -30.62 -21.55
N LEU A 133 2.84 -30.22 -22.47
CA LEU A 133 2.26 -28.89 -22.42
C LEU A 133 1.47 -28.67 -21.13
N HIS A 134 0.79 -29.72 -20.65
CA HIS A 134 -0.01 -29.58 -19.44
C HIS A 134 0.90 -29.43 -18.23
N LEU A 135 1.98 -30.20 -18.16
CA LEU A 135 2.95 -30.03 -17.08
C LEU A 135 3.55 -28.63 -17.08
N ILE A 136 3.84 -28.09 -18.25
CA ILE A 136 4.49 -26.78 -18.27
C ILE A 136 3.49 -25.66 -18.00
N LYS A 137 2.22 -25.81 -18.41
CA LYS A 137 1.23 -24.78 -18.14
C LYS A 137 0.89 -24.71 -16.65
N HIS A 138 0.79 -25.87 -15.99
CA HIS A 138 0.48 -25.96 -14.57
C HIS A 138 1.73 -26.53 -13.90
N ARG A 139 2.69 -25.68 -13.55
CA ARG A 139 4.00 -26.16 -13.14
C ARG A 139 4.29 -26.00 -11.66
N GLY A 140 3.33 -25.56 -10.87
CA GLY A 140 3.51 -25.48 -9.43
C GLY A 140 4.49 -24.40 -9.00
N TYR A 141 4.65 -24.28 -7.69
CA TYR A 141 5.43 -23.23 -7.07
C TYR A 141 6.82 -23.74 -6.73
N LEU A 142 7.83 -22.93 -7.03
CA LEU A 142 9.22 -23.24 -6.69
C LEU A 142 9.62 -22.36 -5.53
N SER A 143 10.17 -22.98 -4.48
CA SER A 143 10.65 -22.21 -3.34
C SER A 143 11.71 -21.20 -3.77
N GLN A 144 11.55 -19.99 -3.29
CA GLN A 144 12.39 -18.89 -3.61
C GLN A 144 13.29 -18.41 -2.51
N ARG A 145 13.47 -19.18 -1.48
CA ARG A 145 14.33 -18.77 -0.40
C ARG A 145 15.65 -19.46 -0.49
N LYS A 146 16.73 -18.72 -0.34
CA LYS A 146 18.06 -19.33 -0.38
C LYS A 146 18.12 -20.37 0.73
N ASN A 147 18.49 -21.60 0.38
CA ASN A 147 18.46 -22.71 1.33
C ASN A 147 19.14 -23.93 0.71
N ASP A 174 -3.23 -42.19 -4.17
CA ASP A 174 -2.26 -43.05 -4.83
C ASP A 174 -0.85 -42.49 -4.64
N PHE A 175 0.07 -42.84 -5.54
CA PHE A 175 1.45 -42.44 -5.40
C PHE A 175 2.09 -42.33 -6.79
N ARG A 176 3.43 -42.28 -6.80
CA ARG A 176 4.31 -42.27 -7.96
C ARG A 176 4.28 -40.95 -8.72
N THR A 177 3.29 -40.10 -8.43
CA THR A 177 2.98 -39.02 -9.34
C THR A 177 1.96 -38.10 -8.68
N PRO A 178 2.18 -36.77 -8.70
CA PRO A 178 1.10 -35.87 -8.29
C PRO A 178 -0.13 -35.97 -9.17
N ALA A 179 0.06 -36.38 -10.39
CA ALA A 179 -1.03 -36.60 -11.27
C ALA A 179 -1.85 -37.78 -10.88
N GLU A 180 -1.18 -38.85 -10.58
CA GLU A 180 -1.85 -40.07 -10.24
C GLU A 180 -2.60 -39.89 -8.99
N LEU A 181 -1.96 -39.18 -8.08
CA LEU A 181 -2.53 -38.90 -6.82
C LEU A 181 -3.72 -38.06 -6.99
N ALA A 182 -3.63 -37.08 -7.85
CA ALA A 182 -4.75 -36.25 -8.08
C ALA A 182 -5.90 -36.99 -8.65
N LEU A 183 -5.62 -37.81 -9.64
CA LEU A 183 -6.70 -38.47 -10.28
C LEU A 183 -7.38 -39.33 -9.35
N ASN A 184 -6.64 -40.10 -8.60
CA ASN A 184 -7.31 -41.03 -7.76
C ASN A 184 -8.07 -40.54 -6.58
N LYS A 185 -7.46 -39.87 -5.61
CA LYS A 185 -8.26 -39.55 -4.44
C LYS A 185 -9.29 -38.51 -4.75
N PHE A 186 -8.78 -37.50 -5.41
CA PHE A 186 -9.56 -36.39 -5.73
C PHE A 186 -10.69 -36.76 -6.63
N GLU A 187 -10.46 -37.59 -7.63
CA GLU A 187 -11.59 -37.77 -8.50
C GLU A 187 -12.41 -38.97 -8.23
N LYS A 188 -11.91 -39.91 -7.44
CA LYS A 188 -12.75 -41.08 -7.22
C LYS A 188 -13.45 -40.63 -6.01
N GLU A 189 -12.95 -39.55 -5.48
CA GLU A 189 -13.58 -38.95 -4.29
C GLU A 189 -14.00 -37.47 -4.23
N SER A 190 -13.62 -36.62 -5.16
CA SER A 190 -14.07 -35.22 -5.06
C SER A 190 -14.93 -34.65 -6.18
N GLY A 191 -14.85 -35.27 -7.32
CA GLY A 191 -15.62 -34.86 -8.44
C GLY A 191 -14.91 -33.93 -9.37
N HIS A 192 -13.82 -33.34 -8.93
CA HIS A 192 -13.05 -32.43 -9.74
C HIS A 192 -11.59 -32.58 -9.43
N ILE A 193 -10.72 -32.22 -10.36
CA ILE A 193 -9.28 -32.33 -10.17
C ILE A 193 -8.72 -30.97 -9.79
N ARG A 194 -8.99 -29.97 -10.62
CA ARG A 194 -8.48 -28.62 -10.41
C ARG A 194 -9.03 -28.04 -9.12
N ASN A 195 -8.37 -27.00 -8.62
CA ASN A 195 -8.90 -26.30 -7.47
C ASN A 195 -10.08 -25.43 -7.88
N GLN A 196 -10.94 -25.13 -6.92
CA GLN A 196 -12.14 -24.34 -7.16
C GLN A 196 -12.21 -23.27 -6.08
N ARG A 197 -13.15 -22.36 -6.23
CA ARG A 197 -13.23 -21.24 -5.36
C ARG A 197 -13.42 -21.53 -3.95
N SER A 198 -14.42 -22.31 -3.67
CA SER A 198 -14.75 -22.66 -2.29
C SER A 198 -14.32 -24.07 -1.91
N ASP A 199 -13.82 -24.87 -2.86
CA ASP A 199 -13.33 -26.21 -2.59
C ASP A 199 -11.95 -26.35 -3.20
N TYR A 200 -10.95 -25.99 -2.42
CA TYR A 200 -9.56 -26.09 -2.77
C TYR A 200 -9.17 -27.50 -2.50
N SER A 201 -8.46 -28.17 -3.38
CA SER A 201 -8.05 -29.50 -3.06
C SER A 201 -6.57 -29.85 -3.16
N HIS A 202 -5.86 -29.42 -4.15
CA HIS A 202 -4.44 -29.79 -4.15
CA HIS A 202 -4.45 -29.82 -4.16
C HIS A 202 -3.26 -28.75 -4.27
N THR A 203 -2.16 -29.16 -3.71
CA THR A 203 -1.01 -28.29 -3.82
C THR A 203 0.12 -29.11 -4.34
N PHE A 204 0.64 -28.82 -5.52
CA PHE A 204 1.73 -29.58 -6.10
C PHE A 204 2.98 -28.73 -6.25
N SER A 205 4.09 -29.22 -5.69
CA SER A 205 5.37 -28.54 -5.83
C SER A 205 5.84 -28.57 -7.27
N ARG A 206 6.66 -27.57 -7.64
CA ARG A 206 7.33 -27.64 -8.93
C ARG A 206 8.36 -28.76 -8.96
N LYS A 207 8.90 -29.14 -7.79
CA LYS A 207 9.80 -30.28 -7.74
C LYS A 207 9.07 -31.61 -7.77
N ASP A 208 7.85 -31.68 -7.21
CA ASP A 208 7.06 -32.90 -7.38
C ASP A 208 6.72 -33.12 -8.84
N LEU A 209 6.38 -32.04 -9.56
CA LEU A 209 6.12 -32.15 -10.99
C LEU A 209 7.38 -32.41 -11.78
N GLN A 210 8.53 -31.90 -11.30
CA GLN A 210 9.80 -32.23 -11.93
C GLN A 210 10.09 -33.72 -11.81
N ALA A 211 9.88 -34.28 -10.62
CA ALA A 211 10.00 -35.72 -10.43
C ALA A 211 9.06 -36.48 -11.36
N GLU A 212 7.81 -36.00 -11.47
CA GLU A 212 6.89 -36.61 -12.42
C GLU A 212 7.46 -36.59 -13.83
N LEU A 213 7.99 -35.45 -14.26
CA LEU A 213 8.49 -35.31 -15.62
C LEU A 213 9.64 -36.28 -15.90
N ILE A 214 10.58 -36.35 -14.96
CA ILE A 214 11.71 -37.26 -15.13
C ILE A 214 11.23 -38.71 -15.16
N LEU A 215 10.33 -39.07 -14.24
CA LEU A 215 9.84 -40.44 -14.19
C LEU A 215 9.04 -40.79 -15.44
N LEU A 216 8.35 -39.80 -16.01
CA LEU A 216 7.60 -40.04 -17.24
C LEU A 216 8.53 -40.25 -18.43
N PHE A 217 9.62 -39.49 -18.52
CA PHE A 217 10.54 -39.81 -19.62
C PHE A 217 11.16 -41.18 -19.43
N GLU A 218 11.51 -41.55 -18.19
CA GLU A 218 12.11 -42.86 -17.96
C GLU A 218 11.14 -43.98 -18.35
N LYS A 219 9.88 -43.87 -17.92
CA LYS A 219 8.89 -44.88 -18.30
C LYS A 219 8.68 -44.91 -19.81
N GLN A 220 8.37 -43.76 -20.42
CA GLN A 220 8.14 -43.71 -21.85
C GLN A 220 9.35 -44.17 -22.66
N LYS A 221 10.55 -44.17 -22.06
CA LYS A 221 11.68 -44.78 -22.73
C LYS A 221 11.70 -46.29 -22.51
N GLU A 222 11.13 -46.77 -21.40
CA GLU A 222 10.91 -48.21 -21.28
C GLU A 222 9.96 -48.74 -22.35
N PHE A 223 9.01 -47.92 -22.80
CA PHE A 223 7.93 -48.37 -23.66
C PHE A 223 8.15 -48.06 -25.14
N GLY A 224 9.31 -47.52 -25.51
CA GLY A 224 9.52 -47.09 -26.88
C GLY A 224 9.52 -45.58 -26.99
N ASN A 225 8.45 -45.01 -27.57
CA ASN A 225 8.25 -43.57 -27.62
C ASN A 225 9.47 -42.86 -28.19
N PRO A 226 9.61 -42.84 -29.53
CA PRO A 226 10.83 -42.29 -30.14
C PRO A 226 11.10 -40.83 -29.77
N HIS A 227 10.28 -40.30 -28.88
CA HIS A 227 10.27 -38.89 -28.50
C HIS A 227 10.76 -38.71 -27.07
N VAL A 228 11.83 -39.42 -26.70
CA VAL A 228 12.42 -39.34 -25.38
C VAL A 228 13.82 -38.75 -25.51
N SER A 229 13.99 -37.86 -26.48
CA SER A 229 15.29 -37.26 -26.79
C SER A 229 15.93 -36.67 -25.54
N GLY A 230 17.27 -36.71 -25.50
CA GLY A 230 17.98 -35.96 -24.48
C GLY A 230 17.76 -34.47 -24.62
N GLY A 231 17.81 -33.97 -25.86
CA GLY A 231 17.50 -32.57 -26.09
C GLY A 231 16.08 -32.21 -25.70
N LEU A 232 15.12 -33.08 -26.03
CA LEU A 232 13.74 -32.83 -25.63
C LEU A 232 13.61 -32.82 -24.12
N LYS A 233 14.30 -33.72 -23.43
CA LYS A 233 14.24 -33.74 -21.97
C LYS A 233 14.79 -32.45 -21.39
N GLU A 234 16.00 -32.07 -21.82
CA GLU A 234 16.58 -30.83 -21.34
C GLU A 234 15.65 -29.65 -21.58
N GLY A 235 15.10 -29.56 -22.80
CA GLY A 235 14.25 -28.43 -23.13
C GLY A 235 12.99 -28.38 -22.28
N ILE A 236 12.27 -29.50 -22.17
CA ILE A 236 11.04 -29.50 -21.40
C ILE A 236 11.31 -29.19 -19.94
N GLU A 237 12.32 -29.84 -19.34
CA GLU A 237 12.61 -29.60 -17.95
C GLU A 237 13.08 -28.17 -17.70
N THR A 238 13.81 -27.58 -18.65
CA THR A 238 14.26 -26.20 -18.49
C THR A 238 13.07 -25.24 -18.60
N LEU A 239 12.16 -25.48 -19.54
CA LEU A 239 10.96 -24.66 -19.62
C LEU A 239 10.12 -24.77 -18.35
N LEU A 240 10.11 -25.95 -17.72
CA LEU A 240 9.30 -26.13 -16.53
C LEU A 240 9.94 -25.51 -15.29
N MET A 241 11.26 -25.60 -15.17
CA MET A 241 11.94 -25.21 -13.94
C MET A 241 12.39 -23.76 -13.89
N THR A 242 12.63 -23.14 -15.04
CA THR A 242 13.25 -21.82 -15.08
C THR A 242 12.26 -20.73 -14.68
N GLN A 243 12.74 -19.76 -13.91
CA GLN A 243 12.02 -18.51 -13.70
C GLN A 243 13.03 -17.43 -13.35
N ARG A 244 12.70 -16.19 -13.73
CA ARG A 244 13.65 -15.10 -13.60
C ARG A 244 13.98 -14.82 -12.13
N PRO A 245 15.19 -14.35 -11.84
CA PRO A 245 15.53 -14.01 -10.46
C PRO A 245 14.79 -12.77 -9.99
N ALA A 246 14.49 -12.76 -8.68
CA ALA A 246 13.76 -11.63 -8.11
C ALA A 246 14.58 -10.35 -8.15
N LEU A 247 15.87 -10.47 -7.93
CA LEU A 247 16.76 -9.36 -8.03
C LEU A 247 17.93 -9.79 -8.85
N SER A 248 18.21 -9.04 -9.91
CA SER A 248 19.34 -9.28 -10.78
C SER A 248 20.00 -8.00 -11.06
N GLY A 249 21.29 -7.96 -11.08
CA GLY A 249 21.95 -6.73 -11.39
C GLY A 249 21.84 -5.55 -10.49
N ASP A 250 21.46 -4.42 -11.04
CA ASP A 250 21.43 -3.18 -10.29
C ASP A 250 20.16 -2.85 -9.60
N ALA A 251 19.34 -3.85 -9.42
CA ALA A 251 18.07 -3.75 -8.83
C ALA A 251 18.18 -3.24 -7.45
N VAL A 252 19.12 -3.70 -6.68
CA VAL A 252 19.29 -3.16 -5.38
C VAL A 252 19.88 -1.78 -5.42
N GLN A 253 20.87 -1.57 -6.27
CA GLN A 253 21.56 -0.28 -6.34
C GLN A 253 20.61 0.84 -6.76
N LYS A 254 19.68 0.55 -7.66
CA LYS A 254 18.71 1.55 -8.09
C LYS A 254 17.79 1.97 -6.96
N MET A 255 17.60 1.12 -5.96
CA MET A 255 16.78 1.47 -4.81
C MET A 255 17.58 2.00 -3.64
N LEU A 256 18.85 1.59 -3.55
CA LEU A 256 19.69 1.96 -2.41
C LEU A 256 19.88 3.46 -2.32
N GLY A 257 19.94 3.96 -1.09
CA GLY A 257 20.15 5.36 -0.84
C GLY A 257 21.61 5.75 -0.97
N HIS A 258 21.90 7.01 -0.69
CA HIS A 258 23.27 7.48 -0.79
CA HIS A 258 23.22 7.59 -0.83
C HIS A 258 23.74 8.09 0.53
N CYS A 259 25.07 8.10 0.67
CA CYS A 259 25.72 8.39 1.93
C CYS A 259 25.32 9.74 2.51
N THR A 260 25.31 9.81 3.84
CA THR A 260 24.96 11.04 4.53
C THR A 260 26.02 12.12 4.33
N PHE A 261 27.30 11.74 4.39
CA PHE A 261 28.37 12.74 4.36
C PHE A 261 28.94 12.94 2.96
N GLU A 262 29.20 11.86 2.22
CA GLU A 262 29.67 11.99 0.85
C GLU A 262 28.59 11.50 -0.10
N PRO A 263 27.73 12.38 -0.62
CA PRO A 263 26.54 11.91 -1.35
C PRO A 263 26.84 11.22 -2.66
N ALA A 264 28.05 11.35 -3.19
CA ALA A 264 28.39 10.64 -4.42
C ALA A 264 28.61 9.15 -4.20
N GLU A 265 28.58 8.69 -2.94
CA GLU A 265 28.87 7.32 -2.56
C GLU A 265 27.61 6.61 -2.10
N PRO A 266 27.48 5.31 -2.39
CA PRO A 266 26.32 4.56 -1.91
C PRO A 266 26.48 4.16 -0.44
N LYS A 267 25.34 3.89 0.20
CA LYS A 267 25.36 3.40 1.57
C LYS A 267 26.17 2.13 1.69
N ALA A 268 26.64 1.85 2.89
CA ALA A 268 27.35 0.61 3.18
C ALA A 268 26.38 -0.42 3.75
N ALA A 269 26.69 -1.69 3.52
CA ALA A 269 25.87 -2.77 4.04
C ALA A 269 26.18 -3.02 5.50
N LYS A 270 25.15 -3.36 6.29
CA LYS A 270 25.40 -3.69 7.69
C LYS A 270 26.27 -4.92 7.83
N ASN A 271 26.19 -5.86 6.90
CA ASN A 271 27.00 -7.07 6.96
C ASN A 271 28.40 -6.84 6.39
N THR A 272 29.04 -5.80 6.91
CA THR A 272 30.34 -5.34 6.45
C THR A 272 31.21 -5.12 7.67
N TYR A 273 32.46 -5.63 7.60
CA TYR A 273 33.40 -5.42 8.71
C TYR A 273 33.46 -3.96 9.12
N THR A 274 33.53 -3.06 8.14
CA THR A 274 33.62 -1.63 8.45
C THR A 274 32.35 -1.14 9.13
N ALA A 275 31.18 -1.54 8.62
CA ALA A 275 29.93 -1.06 9.18
C ALA A 275 29.65 -1.68 10.55
N GLU A 276 29.92 -2.98 10.71
CA GLU A 276 29.77 -3.59 12.03
C GLU A 276 30.74 -2.99 13.03
N ARG A 277 31.96 -2.71 12.60
CA ARG A 277 32.93 -2.06 13.49
C ARG A 277 32.45 -0.67 13.88
N PHE A 278 31.84 0.04 12.93
CA PHE A 278 31.23 1.34 13.23
C PHE A 278 30.13 1.22 14.28
N ILE A 279 29.24 0.24 14.10
CA ILE A 279 28.12 0.08 15.03
C ILE A 279 28.63 -0.32 16.42
N TRP A 280 29.64 -1.19 16.47
CA TRP A 280 30.20 -1.57 17.76
C TRP A 280 30.94 -0.41 18.41
N LEU A 281 31.63 0.43 17.61
CA LEU A 281 32.31 1.58 18.19
C LEU A 281 31.31 2.60 18.72
N THR A 282 30.17 2.79 18.04
CA THR A 282 29.20 3.73 18.57
C THR A 282 28.52 3.18 19.82
N LYS A 283 28.19 1.89 19.84
CA LYS A 283 27.64 1.30 21.06
C LYS A 283 28.64 1.38 22.21
N LEU A 284 29.93 1.23 21.92
CA LEU A 284 30.95 1.19 22.96
C LEU A 284 31.24 2.58 23.51
N ASN A 285 31.42 3.56 22.63
CA ASN A 285 31.72 4.92 23.08
C ASN A 285 30.53 5.55 23.80
N ASN A 286 29.31 5.20 23.41
CA ASN A 286 28.13 5.79 24.03
C ASN A 286 27.63 5.01 25.24
N LEU A 287 28.32 3.94 25.62
CA LEU A 287 27.89 3.17 26.79
C LEU A 287 28.16 3.95 28.07
N ARG A 288 27.23 3.83 29.03
CA ARG A 288 27.25 4.70 30.19
C ARG A 288 26.88 3.87 31.41
N ILE A 289 27.67 3.97 32.47
CA ILE A 289 27.43 3.23 33.71
C ILE A 289 26.78 4.15 34.70
N LEU A 290 25.53 3.88 35.05
CA LEU A 290 24.85 4.63 36.09
C LEU A 290 25.27 4.04 37.43
N GLU A 291 26.06 4.80 38.19
CA GLU A 291 26.58 4.35 39.48
C GLU A 291 25.57 4.71 40.57
N GLN A 292 25.99 4.70 41.83
CA GLN A 292 25.13 5.14 42.92
C GLN A 292 24.39 6.43 42.57
N GLY A 293 25.13 7.52 42.37
CA GLY A 293 24.50 8.73 41.88
C GLY A 293 25.04 9.22 40.56
N SER A 294 26.34 9.02 40.33
CA SER A 294 26.97 9.54 39.14
C SER A 294 26.87 8.55 37.98
N GLU A 295 27.09 9.06 36.77
CA GLU A 295 27.27 8.22 35.59
C GLU A 295 28.58 8.62 34.92
N ARG A 296 29.16 7.67 34.18
CA ARG A 296 30.47 7.93 33.60
C ARG A 296 30.57 7.18 32.28
N PRO A 297 31.34 7.70 31.33
CA PRO A 297 31.70 6.90 30.16
C PRO A 297 32.73 5.85 30.52
N LEU A 298 32.78 4.80 29.70
CA LEU A 298 33.79 3.76 29.90
C LEU A 298 35.19 4.32 29.81
N THR A 299 36.05 3.86 30.72
CA THR A 299 37.46 4.22 30.69
C THR A 299 38.13 3.59 29.46
N ASP A 300 39.22 4.22 29.01
CA ASP A 300 39.96 3.68 27.88
C ASP A 300 40.36 2.23 28.11
N THR A 301 40.72 1.89 29.35
CA THR A 301 41.11 0.52 29.67
C THR A 301 39.92 -0.43 29.54
N GLU A 302 38.74 -0.02 30.00
CA GLU A 302 37.55 -0.84 29.88
C GLU A 302 37.13 -0.99 28.42
N ARG A 303 37.23 0.10 27.65
CA ARG A 303 36.97 0.03 26.21
C ARG A 303 37.93 -0.95 25.54
N ALA A 304 39.19 -0.99 25.96
CA ALA A 304 40.13 -1.95 25.40
C ALA A 304 39.77 -3.37 25.82
N THR A 305 39.31 -3.53 27.07
CA THR A 305 38.87 -4.84 27.55
C THR A 305 37.72 -5.38 26.70
N LEU A 306 36.87 -4.49 26.18
CA LEU A 306 35.71 -4.92 25.39
C LEU A 306 35.90 -4.94 23.88
N MET A 307 36.86 -4.19 23.34
CA MET A 307 36.89 -3.94 21.90
C MET A 307 36.77 -5.23 21.09
N ASP A 308 37.68 -6.17 21.31
CA ASP A 308 37.73 -7.40 20.53
C ASP A 308 36.87 -8.51 21.11
N GLU A 309 36.01 -8.22 22.09
CA GLU A 309 35.17 -9.26 22.65
C GLU A 309 34.09 -9.74 21.69
N PRO A 310 33.33 -8.87 21.02
CA PRO A 310 32.35 -9.38 20.05
C PRO A 310 32.97 -10.17 18.92
N TYR A 311 34.21 -9.87 18.55
CA TYR A 311 34.92 -10.69 17.58
C TYR A 311 35.35 -12.03 18.19
N ARG A 312 35.63 -12.03 19.50
CA ARG A 312 36.22 -13.23 20.12
C ARG A 312 35.20 -14.35 20.30
N LYS A 313 33.93 -14.00 20.46
CA LYS A 313 32.88 -14.98 20.74
C LYS A 313 31.58 -14.59 20.05
N SER A 314 30.65 -15.56 20.03
CA SER A 314 29.46 -15.47 19.20
C SER A 314 28.73 -14.16 19.43
N LYS A 315 28.56 -13.79 20.69
CA LYS A 315 27.96 -12.51 21.03
C LYS A 315 28.52 -12.06 22.37
N LEU A 316 28.73 -10.76 22.50
CA LEU A 316 29.06 -10.15 23.78
C LEU A 316 27.78 -9.65 24.42
N THR A 317 27.33 -10.32 25.49
CA THR A 317 26.13 -9.89 26.18
C THR A 317 26.48 -8.94 27.32
N TYR A 318 25.44 -8.25 27.84
CA TYR A 318 25.66 -7.27 28.91
C TYR A 318 26.19 -7.92 30.18
N ALA A 319 25.61 -9.04 30.60
CA ALA A 319 26.09 -9.71 31.80
C ALA A 319 27.55 -10.15 31.66
N GLN A 320 27.93 -10.61 30.48
CA GLN A 320 29.33 -10.98 30.24
C GLN A 320 30.25 -9.77 30.34
N ALA A 321 29.91 -8.69 29.65
CA ALA A 321 30.73 -7.48 29.72
C ALA A 321 30.84 -7.02 31.16
N ARG A 322 29.72 -7.02 31.88
CA ARG A 322 29.70 -6.77 33.31
C ARG A 322 30.77 -7.60 34.03
N LYS A 323 30.81 -8.91 33.74
CA LYS A 323 31.81 -9.75 34.41
C LYS A 323 33.23 -9.38 33.98
N LEU A 324 33.42 -9.02 32.71
CA LEU A 324 34.76 -8.65 32.27
C LEU A 324 35.22 -7.30 32.81
N LEU A 325 34.31 -6.48 33.33
CA LEU A 325 34.61 -5.10 33.70
C LEU A 325 34.76 -4.87 35.20
N GLY A 326 34.82 -5.92 36.01
CA GLY A 326 34.72 -5.65 37.43
C GLY A 326 33.28 -5.28 37.75
N LEU A 327 33.00 -3.99 37.94
CA LEU A 327 31.61 -3.56 38.08
C LEU A 327 30.84 -4.21 39.22
N GLU A 328 31.16 -3.83 40.45
CA GLU A 328 30.38 -4.23 41.61
C GLU A 328 28.88 -4.00 41.38
N ASP A 329 28.05 -4.69 42.15
CA ASP A 329 26.63 -4.80 41.83
C ASP A 329 25.89 -3.46 41.85
N THR A 330 26.40 -2.46 42.56
CA THR A 330 25.79 -1.13 42.55
C THR A 330 26.29 -0.32 41.35
N ALA A 331 26.08 -0.90 40.17
CA ALA A 331 26.47 -0.29 38.91
C ALA A 331 25.52 -0.79 37.83
N PHE A 332 24.83 0.13 37.16
CA PHE A 332 23.88 -0.22 36.13
C PHE A 332 24.30 0.41 34.80
N PHE A 333 23.68 0.03 33.69
CA PHE A 333 24.01 0.64 32.40
C PHE A 333 22.93 1.62 31.91
N LYS A 334 23.31 2.85 31.58
CA LYS A 334 22.29 3.69 31.07
C LYS A 334 21.79 2.87 29.89
N GLY A 335 20.47 2.78 29.82
CA GLY A 335 19.77 2.03 28.80
C GLY A 335 19.08 0.86 29.45
N LEU A 336 19.32 -0.31 28.92
CA LEU A 336 18.74 -1.52 29.45
C LEU A 336 17.26 -1.53 29.71
N ARG A 337 16.82 -2.13 30.80
CA ARG A 337 15.41 -2.20 31.10
C ARG A 337 15.25 -2.47 32.55
N TYR A 338 16.00 -3.45 33.00
CA TYR A 338 16.01 -3.83 34.38
C TYR A 338 14.63 -4.08 34.97
N GLY A 339 13.88 -4.92 34.30
CA GLY A 339 12.54 -5.32 34.67
C GLY A 339 12.53 -6.57 35.53
N LYS A 340 11.61 -7.49 35.22
CA LYS A 340 11.49 -8.75 35.94
C LYS A 340 12.15 -9.90 35.20
N ASP A 341 13.04 -9.62 34.26
CA ASP A 341 13.77 -10.63 33.51
C ASP A 341 15.26 -10.36 33.61
N ASN A 342 16.05 -11.33 33.15
CA ASN A 342 17.49 -11.15 33.06
C ASN A 342 17.80 -10.18 31.92
N ALA A 343 17.79 -8.88 32.21
CA ALA A 343 17.97 -7.88 31.16
C ALA A 343 19.38 -7.94 30.60
N GLU A 344 20.37 -8.16 31.45
CA GLU A 344 21.77 -8.24 31.01
C GLU A 344 22.05 -9.48 30.17
N ALA A 345 21.08 -10.38 30.02
CA ALA A 345 21.20 -11.46 29.06
C ALA A 345 21.01 -10.99 27.63
N SER A 346 20.37 -9.84 27.44
CA SER A 346 20.22 -9.27 26.10
C SER A 346 21.61 -8.98 25.52
N THR A 347 21.65 -8.90 24.19
CA THR A 347 22.92 -9.12 23.48
C THR A 347 23.87 -7.92 23.66
N LEU A 348 23.46 -6.73 23.21
CA LEU A 348 24.30 -5.53 23.13
C LEU A 348 25.31 -5.55 21.98
N MET A 349 25.69 -6.74 21.49
CA MET A 349 26.46 -6.82 20.26
C MET A 349 26.69 -8.26 19.85
N GLU A 350 26.48 -8.56 18.57
CA GLU A 350 27.11 -9.71 17.96
C GLU A 350 27.54 -9.29 16.56
N MET A 351 28.74 -9.72 16.17
CA MET A 351 29.30 -9.33 14.88
C MET A 351 28.72 -10.28 13.82
N LYS A 352 27.45 -10.06 13.51
CA LYS A 352 26.66 -11.03 12.73
C LYS A 352 27.40 -11.50 11.49
N ALA A 353 27.94 -10.56 10.71
CA ALA A 353 28.59 -10.94 9.45
C ALA A 353 29.93 -11.62 9.71
N TYR A 354 30.69 -11.14 10.69
CA TYR A 354 31.97 -11.77 11.04
C TYR A 354 31.78 -13.25 11.32
N HIS A 355 30.90 -13.57 12.27
CA HIS A 355 30.67 -14.96 12.62
C HIS A 355 29.89 -15.72 11.55
N ALA A 356 29.10 -15.04 10.73
CA ALA A 356 28.44 -15.72 9.61
C ALA A 356 29.48 -16.24 8.62
N ILE A 357 30.40 -15.37 8.20
CA ILE A 357 31.47 -15.78 7.30
C ILE A 357 32.33 -16.85 7.96
N SER A 358 32.67 -16.64 9.23
CA SER A 358 33.48 -17.60 9.97
C SER A 358 32.84 -18.97 10.01
N ARG A 359 31.55 -19.03 10.36
CA ARG A 359 30.85 -20.31 10.48
C ARG A 359 30.66 -20.97 9.12
N ALA A 360 30.45 -20.19 8.06
CA ALA A 360 30.38 -20.77 6.73
C ALA A 360 31.70 -21.46 6.39
N LEU A 361 32.82 -20.76 6.56
CA LEU A 361 34.12 -21.35 6.25
C LEU A 361 34.42 -22.55 7.15
N GLU A 362 34.04 -22.48 8.42
CA GLU A 362 34.21 -23.62 9.32
C GLU A 362 33.41 -24.82 8.85
N LYS A 363 32.11 -24.61 8.58
CA LYS A 363 31.24 -25.71 8.17
C LYS A 363 31.66 -26.30 6.84
N GLU A 364 32.39 -25.56 6.01
CA GLU A 364 32.94 -26.13 4.79
C GLU A 364 34.41 -26.53 4.95
N GLY A 365 34.88 -26.72 6.19
CA GLY A 365 36.21 -27.23 6.45
C GLY A 365 37.33 -26.37 5.90
N LEU A 366 37.27 -25.06 6.14
CA LEU A 366 38.26 -24.13 5.62
C LEU A 366 38.84 -23.20 6.67
N LYS A 367 38.29 -23.19 7.86
CA LYS A 367 38.79 -22.34 8.91
C LYS A 367 38.57 -23.09 10.21
N ASP A 368 39.48 -22.97 11.15
CA ASP A 368 39.35 -23.69 12.38
C ASP A 368 38.47 -22.94 13.26
N LYS A 369 37.65 -23.61 14.02
CA LYS A 369 36.75 -22.91 14.89
C LYS A 369 37.49 -22.11 15.92
N LYS A 370 38.55 -22.65 16.47
CA LYS A 370 39.31 -21.93 17.43
C LYS A 370 39.98 -20.70 16.88
N SER A 371 40.53 -20.80 15.68
CA SER A 371 41.26 -19.73 15.03
C SER A 371 40.41 -18.60 14.53
N PRO A 372 40.94 -17.38 14.48
CA PRO A 372 40.15 -16.22 14.05
C PRO A 372 39.98 -16.21 12.55
N LEU A 373 39.11 -15.31 12.08
CA LEU A 373 38.87 -15.21 10.64
C LEU A 373 40.10 -14.62 9.95
N ASN A 374 40.42 -15.16 8.78
CA ASN A 374 41.73 -15.00 8.16
C ASN A 374 41.64 -14.20 6.86
N LEU A 375 40.71 -13.27 6.78
CA LEU A 375 40.52 -12.48 5.58
C LEU A 375 40.68 -11.00 5.92
N SER A 376 41.34 -10.28 5.02
CA SER A 376 41.55 -8.86 5.26
C SER A 376 40.22 -8.14 5.33
N PRO A 377 40.07 -7.16 6.23
CA PRO A 377 38.83 -6.39 6.33
C PRO A 377 38.30 -5.85 5.01
N GLU A 378 39.18 -5.46 4.09
CA GLU A 378 38.73 -5.03 2.77
C GLU A 378 37.96 -6.14 2.07
N LEU A 379 38.45 -7.38 2.18
CA LEU A 379 37.74 -8.50 1.57
C LEU A 379 36.44 -8.81 2.28
N GLN A 380 36.40 -8.67 3.60
CA GLN A 380 35.14 -8.85 4.32
C GLN A 380 34.12 -7.82 3.87
N ASP A 381 34.55 -6.57 3.72
CA ASP A 381 33.66 -5.53 3.21
C ASP A 381 33.19 -5.88 1.81
N GLU A 382 34.11 -6.36 0.96
CA GLU A 382 33.75 -6.67 -0.42
C GLU A 382 32.74 -7.81 -0.50
N ILE A 383 32.91 -8.85 0.31
CA ILE A 383 31.97 -9.98 0.23
C ILE A 383 30.63 -9.65 0.89
N GLY A 384 30.63 -8.83 1.95
CA GLY A 384 29.37 -8.35 2.49
C GLY A 384 28.62 -7.48 1.51
N THR A 385 29.32 -6.51 0.91
CA THR A 385 28.72 -5.68 -0.14
C THR A 385 28.23 -6.54 -1.30
N ALA A 386 28.96 -7.61 -1.61
CA ALA A 386 28.57 -8.47 -2.71
C ALA A 386 27.26 -9.19 -2.44
N PHE A 387 27.14 -9.85 -1.28
CA PHE A 387 25.86 -10.52 -1.04
C PHE A 387 24.75 -9.56 -0.63
N SER A 388 25.06 -8.28 -0.39
CA SER A 388 23.99 -7.34 -0.11
C SER A 388 23.45 -6.69 -1.38
N LEU A 389 24.33 -6.34 -2.33
CA LEU A 389 23.86 -5.76 -3.58
C LEU A 389 23.31 -6.80 -4.54
N PHE A 390 23.82 -8.02 -4.48
CA PHE A 390 23.49 -9.05 -5.45
C PHE A 390 23.03 -10.31 -4.73
N LYS A 391 22.12 -11.04 -5.35
CA LYS A 391 21.55 -12.22 -4.72
C LYS A 391 21.75 -13.49 -5.52
N THR A 392 21.89 -13.41 -6.84
CA THR A 392 22.11 -14.61 -7.63
C THR A 392 23.56 -15.06 -7.54
N ASP A 393 23.77 -16.36 -7.68
CA ASP A 393 25.13 -16.91 -7.69
C ASP A 393 25.96 -16.25 -8.78
N GLU A 394 25.38 -16.11 -9.98
CA GLU A 394 26.06 -15.47 -11.10
C GLU A 394 26.58 -14.08 -10.74
N ASP A 395 25.67 -13.22 -10.28
CA ASP A 395 26.02 -11.83 -10.03
C ASP A 395 27.05 -11.72 -8.92
N ILE A 396 26.94 -12.56 -7.90
CA ILE A 396 27.88 -12.51 -6.79
C ILE A 396 29.27 -12.95 -7.24
N THR A 397 29.36 -14.08 -7.96
CA THR A 397 30.66 -14.52 -8.46
C THR A 397 31.27 -13.48 -9.39
N GLY A 398 30.44 -12.83 -10.21
CA GLY A 398 30.95 -11.81 -11.12
C GLY A 398 31.63 -10.65 -10.44
N ARG A 399 31.49 -10.52 -9.12
CA ARG A 399 32.10 -9.42 -8.38
C ARG A 399 33.08 -9.93 -7.32
N LEU A 400 33.29 -11.24 -7.22
CA LEU A 400 34.16 -11.80 -6.19
C LEU A 400 35.18 -12.80 -6.68
N LYS A 401 35.04 -13.37 -7.88
CA LYS A 401 35.89 -14.49 -8.27
C LYS A 401 37.36 -14.09 -8.31
N ASP A 402 37.67 -12.91 -8.85
CA ASP A 402 39.04 -12.43 -8.91
C ASP A 402 39.51 -11.82 -7.59
N ARG A 403 38.62 -11.68 -6.62
CA ARG A 403 38.97 -11.08 -5.33
C ARG A 403 39.15 -12.12 -4.22
N ILE A 404 38.47 -13.27 -4.32
CA ILE A 404 38.49 -14.26 -3.27
C ILE A 404 38.65 -15.63 -3.90
N GLN A 405 39.20 -16.57 -3.13
CA GLN A 405 39.64 -17.84 -3.66
C GLN A 405 38.43 -18.74 -3.92
N PRO A 406 38.39 -19.46 -5.06
CA PRO A 406 37.15 -20.16 -5.44
C PRO A 406 36.65 -21.18 -4.43
N GLU A 407 37.52 -21.80 -3.65
CA GLU A 407 37.03 -22.68 -2.58
C GLU A 407 36.22 -21.88 -1.57
N ILE A 408 36.74 -20.72 -1.16
CA ILE A 408 36.04 -19.89 -0.19
C ILE A 408 34.75 -19.32 -0.80
N LEU A 409 34.79 -18.90 -2.06
CA LEU A 409 33.58 -18.40 -2.69
C LEU A 409 32.52 -19.49 -2.79
N GLU A 410 32.93 -20.71 -3.13
CA GLU A 410 32.03 -21.85 -3.10
C GLU A 410 31.40 -22.01 -1.72
N ALA A 411 32.23 -21.94 -0.67
CA ALA A 411 31.70 -22.08 0.68
C ALA A 411 30.76 -20.92 1.05
N LEU A 412 30.97 -19.75 0.46
CA LEU A 412 30.21 -18.57 0.86
C LEU A 412 28.88 -18.48 0.14
N LEU A 413 28.84 -18.87 -1.11
CA LEU A 413 27.61 -18.81 -1.83
C LEU A 413 26.63 -19.71 -1.15
N LYS A 414 27.14 -20.81 -0.65
CA LYS A 414 26.36 -21.79 0.03
C LYS A 414 25.73 -21.44 1.33
N HIS A 415 26.40 -20.72 2.21
CA HIS A 415 25.80 -20.44 3.51
C HIS A 415 25.46 -19.04 3.87
N ILE A 416 25.43 -18.13 2.95
CA ILE A 416 25.20 -16.77 3.32
C ILE A 416 24.08 -16.00 2.70
N SER A 417 23.43 -15.18 3.52
CA SER A 417 22.41 -14.27 3.06
C SER A 417 22.61 -13.02 3.84
N PHE A 418 22.57 -11.86 3.20
CA PHE A 418 22.82 -10.56 3.82
C PHE A 418 21.86 -9.48 3.32
N ASP A 419 21.66 -8.44 4.14
CA ASP A 419 20.82 -7.29 3.76
C ASP A 419 20.98 -6.10 4.72
N LYS A 420 20.13 -5.08 4.49
CA LYS A 420 19.77 -3.90 5.28
C LYS A 420 21.05 -3.14 4.85
N PHE A 421 21.16 -1.80 4.84
CA PHE A 421 22.50 -1.17 4.67
C PHE A 421 22.41 0.01 5.66
N VAL A 422 23.46 0.20 6.48
CA VAL A 422 23.63 1.43 7.27
C VAL A 422 23.56 2.70 6.43
N GLN A 423 23.48 3.85 7.11
CA GLN A 423 23.30 5.19 6.54
C GLN A 423 24.57 5.86 5.99
N ILE A 424 25.75 5.29 6.22
CA ILE A 424 27.00 5.95 5.85
C ILE A 424 27.80 5.04 4.94
N SER A 425 28.39 5.63 3.89
CA SER A 425 29.16 4.88 2.91
C SER A 425 30.39 4.25 3.55
N LEU A 426 30.99 3.30 2.82
CA LEU A 426 32.24 2.71 3.29
C LEU A 426 33.37 3.71 3.34
N LYS A 427 33.40 4.68 2.42
CA LYS A 427 34.49 5.66 2.42
C LYS A 427 34.48 6.50 3.69
N ALA A 428 33.34 7.15 3.95
CA ALA A 428 33.22 7.93 5.17
C ALA A 428 33.42 7.08 6.41
N LEU A 429 33.03 5.80 6.38
CA LEU A 429 33.25 4.95 7.55
C LEU A 429 34.73 4.60 7.73
N ARG A 430 35.44 4.32 6.63
CA ARG A 430 36.88 4.11 6.73
C ARG A 430 37.57 5.34 7.29
N ARG A 431 36.97 6.50 7.08
CA ARG A 431 37.55 7.72 7.64
C ARG A 431 37.13 7.95 9.09
N ILE A 432 35.93 7.53 9.47
CA ILE A 432 35.37 7.82 10.79
C ILE A 432 35.77 6.79 11.84
N VAL A 433 35.72 5.50 11.52
CA VAL A 433 35.91 4.46 12.54
C VAL A 433 37.31 4.47 13.15
N PRO A 434 38.39 4.90 12.45
CA PRO A 434 39.68 4.98 13.17
C PRO A 434 39.67 6.00 14.28
N LEU A 435 38.99 7.13 14.08
CA LEU A 435 38.94 8.14 15.13
C LEU A 435 38.10 7.68 16.31
N MET A 436 37.04 6.92 16.04
CA MET A 436 36.24 6.37 17.13
C MET A 436 36.96 5.23 17.85
N GLU A 437 37.87 4.55 17.16
CA GLU A 437 38.75 3.60 17.83
C GLU A 437 39.61 4.29 18.87
N GLN A 438 39.93 5.56 18.65
CA GLN A 438 40.77 6.36 19.54
C GLN A 438 40.00 6.91 20.74
N GLY A 439 38.69 6.68 20.80
CA GLY A 439 37.85 7.16 21.88
C GLY A 439 36.90 8.26 21.48
N LYS A 440 37.13 8.91 20.34
CA LYS A 440 36.32 10.04 19.92
C LYS A 440 34.85 9.63 19.80
N ARG A 441 33.98 10.58 20.13
CA ARG A 441 32.55 10.35 19.93
C ARG A 441 32.23 10.32 18.44
N TYR A 442 30.97 9.98 18.13
CA TYR A 442 30.50 10.05 16.75
C TYR A 442 30.67 11.46 16.19
N ASP A 443 30.05 12.45 16.86
CA ASP A 443 30.10 13.81 16.35
C ASP A 443 31.51 14.36 16.32
N GLU A 444 32.35 13.97 17.27
CA GLU A 444 33.72 14.48 17.28
C GLU A 444 34.46 14.08 16.01
N ALA A 445 34.43 12.79 15.68
CA ALA A 445 35.09 12.34 14.46
C ALA A 445 34.44 12.96 13.22
N CYS A 446 33.11 13.01 13.18
CA CYS A 446 32.44 13.58 12.01
C CYS A 446 32.76 15.06 11.84
N ALA A 447 32.98 15.79 12.94
CA ALA A 447 33.30 17.20 12.84
C ALA A 447 34.77 17.41 12.47
N GLU A 448 35.66 16.56 12.97
CA GLU A 448 37.05 16.63 12.56
C GLU A 448 37.20 16.35 11.06
N ILE A 449 36.43 15.41 10.54
CA ILE A 449 36.57 14.99 9.16
C ILE A 449 35.79 15.89 8.20
N TYR A 450 34.50 16.08 8.46
CA TYR A 450 33.59 16.76 7.54
C TYR A 450 33.13 18.12 8.04
N GLY A 451 33.58 18.57 9.21
CA GLY A 451 33.22 19.84 9.78
C GLY A 451 32.08 19.77 10.78
N ASP A 452 31.14 18.86 10.57
CA ASP A 452 30.02 18.69 11.49
C ASP A 452 29.43 17.30 11.29
N HIS A 453 28.66 16.86 12.28
CA HIS A 453 27.99 15.56 12.20
C HIS A 453 26.58 15.68 11.63
N TYR A 454 26.18 16.86 11.15
CA TYR A 454 24.87 17.03 10.53
C TYR A 454 24.80 16.41 9.15
N GLY A 455 25.93 16.12 8.52
CA GLY A 455 25.94 15.54 7.19
C GLY A 455 25.90 16.59 6.09
N LYS A 456 25.84 16.10 4.86
CA LYS A 456 25.83 16.98 3.68
C LYS A 456 24.40 17.41 3.39
N LYS A 457 24.12 18.69 3.59
CA LYS A 457 22.84 19.29 3.26
C LYS A 457 23.03 20.28 2.13
N ASN A 458 22.06 20.34 1.24
CA ASN A 458 22.04 21.39 0.23
C ASN A 458 21.04 22.41 0.72
N THR A 459 21.53 23.60 1.06
CA THR A 459 20.67 24.73 1.38
C THR A 459 21.04 25.88 0.45
N GLU A 460 20.14 26.19 -0.48
CA GLU A 460 20.34 27.33 -1.38
C GLU A 460 19.00 28.04 -1.51
N GLU A 461 18.83 29.08 -0.74
CA GLU A 461 17.58 29.76 -0.68
C GLU A 461 17.22 30.28 -2.00
N LYS A 462 15.94 30.16 -2.26
CA LYS A 462 15.28 30.66 -3.42
C LYS A 462 14.01 31.28 -2.96
N ILE A 463 13.51 32.23 -3.70
CA ILE A 463 12.26 32.84 -3.33
C ILE A 463 11.12 31.89 -3.52
N TYR A 464 11.18 31.08 -4.56
CA TYR A 464 10.15 30.13 -4.86
C TYR A 464 10.66 28.75 -4.55
N LEU A 465 9.87 27.97 -3.85
CA LEU A 465 10.31 26.66 -3.44
C LEU A 465 10.60 25.84 -4.62
N PRO A 466 11.75 25.25 -4.63
CA PRO A 466 12.15 24.46 -5.76
C PRO A 466 11.38 23.20 -5.86
N PRO A 467 11.32 22.67 -7.03
CA PRO A 467 10.55 21.43 -7.07
C PRO A 467 11.14 20.34 -6.18
N ILE A 468 10.25 19.52 -5.63
CA ILE A 468 10.65 18.38 -4.82
C ILE A 468 11.46 17.41 -5.68
N PRO A 469 12.59 16.88 -5.20
CA PRO A 469 13.46 16.09 -6.10
C PRO A 469 12.78 14.92 -6.77
N ALA A 470 11.95 14.16 -6.05
CA ALA A 470 11.19 13.02 -6.56
C ALA A 470 12.11 11.85 -6.87
N ASP A 471 13.42 12.07 -6.79
CA ASP A 471 14.37 10.96 -6.80
C ASP A 471 14.44 10.31 -5.42
N GLU A 472 14.14 11.09 -4.39
CA GLU A 472 14.26 10.72 -3.00
C GLU A 472 12.97 10.13 -2.43
N ILE A 473 11.87 10.24 -3.17
CA ILE A 473 10.53 9.91 -2.67
C ILE A 473 9.93 8.93 -3.66
N ARG A 474 9.96 7.65 -3.31
CA ARG A 474 9.31 6.61 -4.13
C ARG A 474 7.95 6.29 -3.52
N ASN A 475 7.08 7.29 -3.55
CA ASN A 475 5.74 7.20 -2.99
C ASN A 475 4.86 8.25 -3.66
N PRO A 476 4.15 7.88 -4.73
CA PRO A 476 3.49 8.90 -5.56
C PRO A 476 2.45 9.71 -4.84
N VAL A 477 1.81 9.16 -3.80
CA VAL A 477 0.83 9.92 -3.04
C VAL A 477 1.53 11.02 -2.24
N VAL A 478 2.60 10.65 -1.52
CA VAL A 478 3.38 11.65 -0.81
C VAL A 478 3.95 12.68 -1.77
N LEU A 479 4.48 12.22 -2.91
CA LEU A 479 5.05 13.14 -3.88
C LEU A 479 4.01 14.11 -4.41
N ARG A 480 2.78 13.62 -4.65
CA ARG A 480 1.73 14.49 -5.13
C ARG A 480 1.32 15.51 -4.07
N ALA A 481 1.16 15.08 -2.82
CA ALA A 481 0.84 16.02 -1.76
C ALA A 481 1.91 17.09 -1.64
N LEU A 482 3.18 16.70 -1.73
CA LEU A 482 4.27 17.66 -1.63
C LEU A 482 4.28 18.62 -2.80
N SER A 483 4.08 18.11 -4.01
CA SER A 483 4.05 18.98 -5.18
C SER A 483 2.89 19.98 -5.10
N GLN A 484 1.75 19.53 -4.61
CA GLN A 484 0.60 20.44 -4.51
C GLN A 484 0.81 21.49 -3.42
N ALA A 485 1.42 21.09 -2.30
CA ALA A 485 1.77 22.07 -1.28
C ALA A 485 2.76 23.09 -1.84
N ARG A 486 3.70 22.63 -2.68
CA ARG A 486 4.61 23.55 -3.35
C ARG A 486 3.84 24.51 -4.25
N LYS A 487 2.89 24.00 -5.02
CA LYS A 487 2.10 24.87 -5.88
C LYS A 487 1.38 25.93 -5.08
N VAL A 488 0.79 25.54 -3.94
CA VAL A 488 0.08 26.50 -3.10
C VAL A 488 1.03 27.54 -2.52
N ILE A 489 2.20 27.09 -2.04
CA ILE A 489 3.16 28.01 -1.44
C ILE A 489 3.65 29.02 -2.48
N ASN A 490 4.11 28.53 -3.63
CA ASN A 490 4.57 29.44 -4.67
C ASN A 490 3.43 30.30 -5.21
N GLY A 491 2.18 29.86 -5.10
CA GLY A 491 1.07 30.72 -5.45
C GLY A 491 0.93 31.89 -4.50
N VAL A 492 0.94 31.61 -3.19
CA VAL A 492 0.85 32.72 -2.24
C VAL A 492 2.10 33.60 -2.33
N VAL A 493 3.21 33.08 -2.83
CA VAL A 493 4.38 33.95 -2.98
C VAL A 493 4.27 34.81 -4.23
N ARG A 494 3.80 34.24 -5.36
CA ARG A 494 3.55 35.06 -6.54
C ARG A 494 2.49 36.11 -6.30
N ARG A 495 1.58 35.88 -5.34
CA ARG A 495 0.49 36.82 -5.10
C ARG A 495 0.78 37.83 -3.98
N TYR A 496 1.41 37.42 -2.88
CA TYR A 496 1.60 38.31 -1.75
C TYR A 496 3.07 38.45 -1.33
N GLY A 497 4.00 38.01 -2.16
CA GLY A 497 5.40 38.11 -1.79
C GLY A 497 5.86 36.98 -0.88
N SER A 498 7.08 37.08 -0.39
CA SER A 498 7.65 36.07 0.46
C SER A 498 7.04 36.07 1.80
N PRO A 499 6.69 34.90 2.32
CA PRO A 499 6.21 34.83 3.69
C PRO A 499 7.36 35.02 4.67
N ALA A 500 7.07 35.69 5.78
CA ALA A 500 8.07 35.81 6.83
C ALA A 500 8.41 34.44 7.40
N ARG A 501 7.40 33.69 7.83
CA ARG A 501 7.59 32.37 8.40
C ARG A 501 6.47 31.44 7.93
N ILE A 502 6.82 30.17 7.75
CA ILE A 502 5.89 29.13 7.32
C ILE A 502 5.73 28.13 8.44
N HIS A 503 4.49 27.94 8.88
CA HIS A 503 4.15 26.96 9.90
C HIS A 503 3.41 25.81 9.23
N ILE A 504 3.80 24.59 9.54
CA ILE A 504 3.28 23.39 8.90
C ILE A 504 2.87 22.44 10.01
N GLU A 505 1.77 21.71 9.79
CA GLU A 505 1.29 20.76 10.78
C GLU A 505 1.87 19.39 10.47
N THR A 506 2.64 18.85 11.41
CA THR A 506 3.21 17.52 11.32
C THR A 506 2.28 16.53 12.00
N ALA A 507 2.75 15.30 12.05
CA ALA A 507 2.05 14.19 12.63
C ALA A 507 2.66 13.71 13.87
N ARG A 508 3.57 14.50 14.42
CA ARG A 508 4.26 14.19 15.64
C ARG A 508 3.39 14.48 16.80
N GLU A 509 3.76 13.93 17.93
CA GLU A 509 3.01 14.11 19.12
C GLU A 509 3.80 14.89 20.11
N VAL A 510 3.10 15.55 20.99
CA VAL A 510 3.70 16.42 21.99
C VAL A 510 4.54 15.58 22.94
N GLY A 511 5.70 16.12 23.33
CA GLY A 511 6.53 15.48 24.33
C GLY A 511 5.74 15.01 25.53
N LYS A 512 5.79 13.71 25.80
CA LYS A 512 4.85 13.09 26.73
C LYS A 512 5.37 13.18 28.16
N SER A 513 4.57 12.67 29.09
CA SER A 513 4.98 12.57 30.48
C SER A 513 6.15 11.57 30.59
N PHE A 514 6.64 11.40 31.81
CA PHE A 514 7.62 10.37 32.08
C PHE A 514 6.97 9.04 32.43
N LYS A 515 5.72 9.06 32.91
CA LYS A 515 4.96 7.81 33.05
C LYS A 515 4.50 7.30 31.69
N ASP A 516 3.98 8.18 30.84
CA ASP A 516 3.41 7.78 29.56
C ASP A 516 4.44 7.06 28.69
N ARG A 517 5.60 7.69 28.47
CA ARG A 517 6.60 7.11 27.60
C ARG A 517 7.24 5.87 28.21
N LYS A 518 7.25 5.74 29.54
CA LYS A 518 7.74 4.48 30.10
C LYS A 518 6.74 3.35 29.95
N GLU A 519 5.44 3.66 29.95
CA GLU A 519 4.46 2.64 29.57
C GLU A 519 4.63 2.25 28.10
N ILE A 520 4.82 3.24 27.22
CA ILE A 520 5.11 2.97 25.82
C ILE A 520 6.34 2.09 25.69
N GLU A 521 7.36 2.38 26.49
CA GLU A 521 8.60 1.61 26.43
C GLU A 521 8.38 0.18 26.90
N LYS A 522 7.61 0.00 27.98
CA LYS A 522 7.27 -1.35 28.44
C LYS A 522 6.59 -2.15 27.34
N ARG A 523 5.64 -1.54 26.63
CA ARG A 523 4.90 -2.28 25.61
C ARG A 523 5.80 -2.61 24.41
N GLN A 524 6.59 -1.63 23.96
CA GLN A 524 7.56 -1.92 22.89
C GLN A 524 8.54 -3.01 23.30
N GLU A 525 8.90 -3.06 24.59
CA GLU A 525 9.89 -4.02 25.04
C GLU A 525 9.29 -5.42 25.10
N GLU A 526 8.01 -5.47 25.38
CA GLU A 526 7.28 -6.70 25.37
C GLU A 526 7.28 -7.20 23.97
N ASN A 527 7.05 -6.36 23.00
CA ASN A 527 7.08 -6.82 21.65
C ASN A 527 8.44 -7.25 21.24
N ARG A 528 9.45 -6.52 21.60
CA ARG A 528 10.81 -6.93 21.23
C ARG A 528 11.12 -8.33 21.74
N LYS A 529 10.70 -8.63 22.96
CA LYS A 529 11.00 -9.95 23.50
C LYS A 529 10.16 -11.04 22.83
N ASP A 530 8.92 -10.72 22.43
CA ASP A 530 8.15 -11.67 21.63
C ASP A 530 8.83 -11.95 20.30
N ARG A 531 9.33 -10.91 19.63
CA ARG A 531 10.03 -11.13 18.37
C ARG A 531 11.32 -11.94 18.58
N GLU A 532 12.05 -11.67 19.67
CA GLU A 532 13.24 -12.49 19.92
C GLU A 532 12.88 -13.95 20.15
N LYS A 533 11.82 -14.21 20.92
CA LYS A 533 11.46 -15.60 21.17
C LYS A 533 11.02 -16.30 19.89
N ALA A 534 10.30 -15.58 19.02
CA ALA A 534 9.91 -16.17 17.74
C ALA A 534 11.13 -16.46 16.87
N ALA A 535 12.08 -15.52 16.81
CA ALA A 535 13.27 -15.71 15.99
C ALA A 535 14.11 -16.88 16.52
N ALA A 536 14.23 -17.00 17.84
CA ALA A 536 14.99 -18.11 18.41
C ALA A 536 14.28 -19.44 18.18
N LYS A 537 12.96 -19.46 18.32
CA LYS A 537 12.19 -20.66 18.03
C LYS A 537 12.41 -21.11 16.58
N PHE A 538 12.41 -20.15 15.68
CA PHE A 538 12.62 -20.37 14.27
C PHE A 538 14.01 -20.89 13.96
N ARG A 539 15.03 -20.31 14.58
CA ARG A 539 16.38 -20.87 14.45
C ARG A 539 16.44 -22.29 15.00
N GLU A 540 15.69 -22.56 16.06
CA GLU A 540 15.64 -23.91 16.63
C GLU A 540 15.11 -24.91 15.61
N TYR A 541 13.90 -24.68 15.11
CA TYR A 541 13.28 -25.65 14.20
C TYR A 541 13.96 -25.74 12.85
N PHE A 542 14.65 -24.68 12.41
CA PHE A 542 15.18 -24.60 11.05
C PHE A 542 16.66 -24.27 11.08
N PRO A 543 17.50 -25.21 11.53
CA PRO A 543 18.96 -24.94 11.53
C PRO A 543 19.52 -24.81 10.13
N ASN A 544 18.87 -25.39 9.17
CA ASN A 544 19.37 -25.36 7.85
C ASN A 544 19.10 -24.09 7.09
N PHE A 545 18.35 -23.18 7.67
CA PHE A 545 18.04 -21.99 6.92
C PHE A 545 19.26 -21.18 6.71
N VAL A 546 19.40 -20.60 5.54
CA VAL A 546 20.55 -19.77 5.26
C VAL A 546 20.16 -18.35 5.56
N GLY A 547 20.92 -17.67 6.38
CA GLY A 547 20.55 -16.33 6.75
C GLY A 547 19.76 -16.31 8.00
N GLU A 548 19.14 -15.22 8.34
CA GLU A 548 18.33 -15.27 9.50
C GLU A 548 16.92 -14.98 9.21
N PRO A 549 16.09 -15.16 10.18
CA PRO A 549 14.68 -15.00 9.95
C PRO A 549 14.30 -13.63 9.50
N LYS A 550 13.39 -13.63 8.55
CA LYS A 550 12.82 -12.45 7.98
C LYS A 550 11.62 -12.03 8.75
N SER A 551 11.03 -10.89 8.43
CA SER A 551 9.89 -10.48 9.19
C SER A 551 8.74 -11.40 9.11
N LYS A 552 8.31 -11.87 7.95
CA LYS A 552 7.14 -12.74 7.95
C LYS A 552 7.40 -14.07 8.66
N ASP A 553 8.65 -14.48 8.80
CA ASP A 553 9.01 -15.66 9.54
C ASP A 553 8.79 -15.47 11.01
N ILE A 554 9.23 -14.37 11.56
CA ILE A 554 8.92 -13.99 12.95
C ILE A 554 7.41 -13.81 13.10
N LEU A 555 6.75 -13.27 12.08
CA LEU A 555 5.29 -13.16 12.12
C LEU A 555 4.64 -14.53 12.28
N LYS A 556 5.02 -15.48 11.43
CA LYS A 556 4.47 -16.83 11.51
C LYS A 556 4.65 -17.43 12.89
N LEU A 557 5.87 -17.41 13.42
CA LEU A 557 6.07 -18.09 14.70
C LEU A 557 5.48 -17.32 15.86
N ARG A 558 5.41 -16.00 15.77
CA ARG A 558 4.78 -15.22 16.82
C ARG A 558 3.28 -15.50 16.87
N LEU A 559 2.67 -15.70 15.70
CA LEU A 559 1.28 -16.15 15.68
C LEU A 559 1.15 -17.57 16.22
N TYR A 560 2.02 -18.48 15.76
CA TYR A 560 2.05 -19.84 16.29
C TYR A 560 2.07 -19.85 17.82
N GLU A 561 2.85 -18.94 18.41
CA GLU A 561 2.87 -18.79 19.86
C GLU A 561 1.54 -18.27 20.39
N GLN A 562 1.12 -17.08 19.94
CA GLN A 562 -0.09 -16.47 20.45
C GLN A 562 -1.34 -17.33 20.22
N GLN A 563 -1.27 -18.25 19.28
CA GLN A 563 -2.42 -19.11 18.91
C GLN A 563 -2.42 -20.49 19.46
N HIS A 564 -1.37 -20.85 20.14
CA HIS A 564 -1.27 -22.16 20.77
C HIS A 564 -0.98 -23.27 19.76
N GLY A 565 -0.27 -22.93 18.70
CA GLY A 565 0.19 -23.93 17.75
C GLY A 565 -0.90 -24.64 16.99
N LYS A 566 -2.03 -23.97 16.75
CA LYS A 566 -3.18 -24.57 16.08
C LYS A 566 -3.73 -23.63 15.04
N CYS A 567 -4.28 -24.20 13.98
CA CYS A 567 -5.06 -23.40 13.03
C CYS A 567 -6.28 -22.83 13.73
N LEU A 568 -6.38 -21.49 13.73
CA LEU A 568 -7.43 -20.80 14.47
C LEU A 568 -8.79 -20.91 13.80
N TYR A 569 -8.86 -21.49 12.60
CA TYR A 569 -10.13 -21.74 11.94
C TYR A 569 -10.58 -23.20 12.06
N SER A 570 -9.66 -24.15 11.99
CA SER A 570 -10.00 -25.57 12.05
C SER A 570 -9.72 -26.20 13.40
N GLY A 571 -8.78 -25.66 14.17
CA GLY A 571 -8.41 -26.22 15.46
C GLY A 571 -7.34 -27.29 15.40
N LYS A 572 -7.01 -27.80 14.22
CA LYS A 572 -5.96 -28.79 14.08
C LYS A 572 -4.61 -28.18 14.44
N GLU A 573 -3.75 -28.98 15.05
CA GLU A 573 -2.40 -28.50 15.37
C GLU A 573 -1.61 -28.25 14.09
N ILE A 574 -0.71 -27.28 14.17
CA ILE A 574 0.16 -26.91 13.06
C ILE A 574 1.47 -27.66 13.21
N ASN A 575 1.84 -28.43 12.18
CA ASN A 575 3.14 -29.08 12.13
C ASN A 575 4.19 -28.02 11.88
N LEU A 576 4.81 -27.52 12.97
CA LEU A 576 5.74 -26.41 12.85
C LEU A 576 6.97 -26.78 12.03
N GLY A 577 7.23 -28.07 11.83
CA GLY A 577 8.37 -28.48 11.04
C GLY A 577 8.25 -28.05 9.59
N ARG A 578 7.04 -28.00 9.06
CA ARG A 578 6.83 -27.52 7.70
C ARG A 578 5.97 -26.26 7.71
N LEU A 579 6.63 -25.12 7.89
CA LEU A 579 6.03 -23.81 7.66
C LEU A 579 6.36 -23.27 6.28
N ASN A 580 7.53 -23.61 5.75
CA ASN A 580 7.99 -23.14 4.46
C ASN A 580 7.51 -24.00 3.31
N GLU A 581 6.75 -25.05 3.60
CA GLU A 581 6.10 -25.81 2.52
C GLU A 581 5.00 -24.94 1.95
N LYS A 582 5.07 -24.60 0.69
CA LYS A 582 4.08 -23.72 0.20
C LYS A 582 2.78 -24.38 0.32
N GLY A 583 1.82 -23.65 0.85
CA GLY A 583 0.47 -24.11 1.04
C GLY A 583 0.07 -24.79 2.31
N TYR A 584 0.99 -25.22 3.16
CA TYR A 584 0.59 -25.86 4.37
C TYR A 584 -0.10 -24.89 5.28
N VAL A 585 0.49 -23.73 5.45
CA VAL A 585 -0.06 -22.68 6.25
C VAL A 585 0.23 -21.43 5.54
N GLU A 586 -0.71 -20.56 5.64
CA GLU A 586 -0.76 -19.24 5.05
C GLU A 586 -1.19 -18.21 6.10
N ILE A 587 -0.64 -17.02 5.97
CA ILE A 587 -0.97 -15.90 6.85
C ILE A 587 -2.21 -15.24 6.25
N ASP A 588 -3.36 -15.55 6.81
CA ASP A 588 -4.62 -15.00 6.35
C ASP A 588 -4.85 -13.61 6.95
N ALA A 589 -5.11 -12.65 6.09
CA ALA A 589 -5.72 -11.40 6.53
C ALA A 589 -7.15 -11.72 6.91
N ALA A 590 -7.41 -11.79 8.22
CA ALA A 590 -8.73 -12.21 8.71
C ALA A 590 -9.84 -11.40 8.07
N LEU A 591 -9.72 -10.08 8.11
CA LEU A 591 -10.57 -9.22 7.31
C LEU A 591 -9.84 -8.93 5.99
N PRO A 592 -10.43 -9.28 4.84
CA PRO A 592 -9.64 -9.36 3.61
C PRO A 592 -9.00 -8.04 3.22
N PHE A 593 -7.90 -8.13 2.48
CA PHE A 593 -7.23 -6.93 1.98
C PHE A 593 -8.13 -6.16 1.03
N SER A 594 -8.83 -6.87 0.15
CA SER A 594 -9.70 -6.24 -0.84
C SER A 594 -10.81 -5.42 -0.20
N ARG A 595 -11.10 -5.65 1.08
CA ARG A 595 -12.23 -5.05 1.77
C ARG A 595 -11.83 -4.18 2.93
N THR A 596 -10.59 -4.29 3.43
CA THR A 596 -10.13 -3.49 4.55
C THR A 596 -8.80 -2.80 4.29
N TRP A 597 -8.05 -3.30 3.33
CA TRP A 597 -6.74 -2.76 2.98
C TRP A 597 -5.89 -2.74 4.23
N ASP A 598 -5.97 -3.81 5.00
CA ASP A 598 -5.28 -3.91 6.26
C ASP A 598 -4.26 -5.01 6.40
N ASP A 599 -3.05 -4.58 6.68
CA ASP A 599 -1.89 -5.41 6.83
C ASP A 599 -1.40 -5.39 8.26
N SER A 600 -2.10 -4.70 9.13
CA SER A 600 -1.63 -4.62 10.47
C SER A 600 -1.75 -5.93 11.08
N PHE A 601 -0.80 -6.27 11.92
CA PHE A 601 -0.71 -7.49 12.69
C PHE A 601 -2.01 -7.95 13.28
N ASN A 602 -2.75 -7.07 13.90
CA ASN A 602 -4.02 -7.44 14.40
C ASN A 602 -4.93 -8.00 13.33
N ASN A 603 -4.59 -7.93 12.06
CA ASN A 603 -5.46 -8.46 11.02
C ASN A 603 -5.06 -9.86 10.56
N LYS A 604 -3.92 -10.32 10.98
CA LYS A 604 -3.48 -11.60 10.50
C LYS A 604 -3.52 -12.74 11.45
N VAL A 605 -4.00 -13.85 10.93
CA VAL A 605 -4.02 -15.13 11.64
C VAL A 605 -3.21 -16.13 10.83
N LEU A 606 -2.78 -17.19 11.50
CA LEU A 606 -1.99 -18.25 10.87
C LEU A 606 -2.91 -19.45 10.68
N VAL A 607 -3.29 -19.75 9.43
CA VAL A 607 -4.26 -20.80 9.18
C VAL A 607 -3.72 -21.76 8.13
N LEU A 608 -4.47 -22.83 7.89
CA LEU A 608 -4.05 -23.82 6.92
C LEU A 608 -4.26 -23.26 5.51
N GLY A 609 -3.41 -23.68 4.59
CA GLY A 609 -3.52 -23.19 3.23
C GLY A 609 -4.90 -23.44 2.63
N SER A 610 -5.37 -24.68 2.72
CA SER A 610 -6.71 -25.01 2.25
C SER A 610 -7.76 -24.15 2.93
N GLU A 611 -7.59 -23.92 4.23
CA GLU A 611 -8.59 -23.18 4.99
C GLU A 611 -8.62 -21.71 4.55
N ASN A 612 -7.44 -21.11 4.40
CA ASN A 612 -7.35 -19.73 3.92
C ASN A 612 -7.97 -19.58 2.53
N GLN A 613 -7.64 -20.51 1.63
CA GLN A 613 -8.11 -20.36 0.26
C GLN A 613 -9.59 -20.65 0.11
N ASN A 614 -10.14 -21.56 0.93
CA ASN A 614 -11.59 -21.72 0.94
C ASN A 614 -12.27 -20.50 1.55
N LYS A 615 -11.61 -19.85 2.52
CA LYS A 615 -12.15 -18.61 3.07
C LYS A 615 -12.34 -17.57 1.98
N GLY A 616 -11.45 -17.55 0.99
CA GLY A 616 -11.56 -16.55 -0.07
C GLY A 616 -11.44 -15.15 0.49
N ASN A 617 -12.36 -14.28 0.08
CA ASN A 617 -12.40 -12.89 0.53
C ASN A 617 -13.54 -12.65 1.51
N GLN A 618 -13.81 -13.63 2.37
CA GLN A 618 -14.84 -13.50 3.39
C GLN A 618 -14.21 -13.12 4.73
N THR A 619 -15.00 -12.49 5.58
CA THR A 619 -14.60 -12.32 6.96
C THR A 619 -14.83 -13.64 7.70
N PRO A 620 -14.13 -13.86 8.82
CA PRO A 620 -14.41 -15.08 9.60
C PRO A 620 -15.85 -15.19 10.02
N TYR A 621 -16.52 -14.07 10.24
CA TYR A 621 -17.95 -14.11 10.55
C TYR A 621 -18.74 -14.64 9.35
N GLU A 622 -18.53 -14.04 8.18
CA GLU A 622 -19.15 -14.55 6.96
C GLU A 622 -18.72 -15.98 6.66
N TYR A 623 -17.45 -16.29 6.91
CA TYR A 623 -16.91 -17.59 6.53
C TYR A 623 -17.48 -18.71 7.37
N PHE A 624 -17.81 -18.43 8.63
CA PHE A 624 -18.43 -19.41 9.49
C PHE A 624 -19.93 -19.19 9.63
N ASN A 625 -20.51 -18.20 8.92
CA ASN A 625 -21.91 -17.83 9.07
C ASN A 625 -22.37 -17.75 10.52
N GLY A 626 -21.85 -16.77 11.27
CA GLY A 626 -22.27 -16.54 12.64
C GLY A 626 -23.59 -15.83 12.82
N LYS A 627 -24.33 -15.58 11.75
CA LYS A 627 -25.62 -15.03 11.99
C LYS A 627 -26.13 -16.21 12.78
N ASP A 628 -26.60 -17.25 12.14
CA ASP A 628 -27.00 -18.42 12.92
C ASP A 628 -25.73 -19.03 13.50
N ASN A 629 -25.57 -18.92 14.81
CA ASN A 629 -24.33 -19.35 15.32
C ASN A 629 -24.14 -20.73 14.92
N SER A 630 -23.37 -20.85 13.90
CA SER A 630 -23.09 -22.13 13.41
C SER A 630 -22.32 -23.00 14.37
N ARG A 631 -22.38 -24.29 14.20
CA ARG A 631 -21.64 -25.13 15.12
C ARG A 631 -20.21 -24.67 15.11
N GLU A 632 -19.76 -24.25 13.94
CA GLU A 632 -18.39 -23.83 13.72
C GLU A 632 -18.09 -22.41 14.09
N TRP A 633 -19.10 -21.57 14.17
CA TRP A 633 -18.82 -20.22 14.53
C TRP A 633 -18.72 -20.08 16.01
N GLN A 634 -19.33 -21.01 16.73
CA GLN A 634 -19.24 -20.98 18.16
C GLN A 634 -17.84 -21.40 18.46
N GLU A 635 -17.35 -22.40 17.77
CA GLU A 635 -16.01 -22.86 18.03
C GLU A 635 -14.98 -21.82 17.67
N PHE A 636 -15.15 -21.15 16.55
CA PHE A 636 -14.18 -20.18 16.16
C PHE A 636 -14.10 -19.08 17.13
N LYS A 637 -15.23 -18.61 17.61
CA LYS A 637 -15.20 -17.54 18.56
C LYS A 637 -14.51 -17.97 19.81
N ALA A 638 -14.77 -19.18 20.26
CA ALA A 638 -14.10 -19.67 21.44
C ALA A 638 -12.60 -19.75 21.25
N ARG A 639 -12.17 -20.20 20.10
CA ARG A 639 -10.76 -20.31 19.84
C ARG A 639 -10.12 -18.98 19.94
N VAL A 640 -10.83 -17.98 19.48
CA VAL A 640 -10.33 -16.60 19.51
C VAL A 640 -10.18 -16.12 20.95
N GLU A 641 -11.18 -16.37 21.79
CA GLU A 641 -11.17 -15.86 23.16
C GLU A 641 -10.15 -16.56 24.04
N THR A 642 -9.69 -17.75 23.65
CA THR A 642 -8.69 -18.50 24.39
C THR A 642 -7.28 -18.28 23.84
N SER A 643 -7.11 -17.32 22.95
CA SER A 643 -5.81 -17.05 22.35
C SER A 643 -5.06 -15.97 23.14
N ARG A 644 -3.76 -15.94 22.93
CA ARG A 644 -2.90 -14.91 23.52
C ARG A 644 -2.97 -13.59 22.76
N PHE A 645 -3.94 -13.44 21.86
CA PHE A 645 -4.10 -12.19 21.13
C PHE A 645 -4.41 -11.06 22.10
N PRO A 646 -4.04 -9.82 21.76
CA PRO A 646 -4.56 -8.67 22.48
C PRO A 646 -6.05 -8.48 22.20
N ARG A 647 -6.75 -7.93 23.19
CA ARG A 647 -8.19 -7.79 23.09
C ARG A 647 -8.64 -6.83 21.99
N SER A 648 -7.70 -6.12 21.35
CA SER A 648 -8.04 -5.33 20.18
C SER A 648 -8.09 -6.20 18.93
N LYS A 649 -7.08 -7.07 18.77
CA LYS A 649 -7.07 -8.01 17.66
C LYS A 649 -8.28 -8.94 17.72
N LYS A 650 -8.63 -9.42 18.91
CA LYS A 650 -9.76 -10.32 19.06
C LYS A 650 -11.05 -9.67 18.58
N GLN A 651 -11.27 -8.41 18.95
CA GLN A 651 -12.48 -7.71 18.53
C GLN A 651 -12.52 -7.56 17.02
N ARG A 652 -11.37 -7.37 16.37
CA ARG A 652 -11.34 -7.16 14.93
C ARG A 652 -11.51 -8.47 14.16
N ILE A 653 -11.00 -9.59 14.68
CA ILE A 653 -11.14 -10.87 13.99
C ILE A 653 -12.62 -11.19 13.75
N LEU A 654 -13.51 -10.65 14.60
CA LEU A 654 -14.92 -10.98 14.56
C LEU A 654 -15.68 -9.66 14.48
N LEU A 655 -16.06 -9.21 13.28
CA LEU A 655 -16.62 -7.87 13.22
C LEU A 655 -18.02 -7.74 12.64
N GLN A 656 -18.42 -8.58 11.67
CA GLN A 656 -19.81 -8.64 11.21
C GLN A 656 -20.32 -7.25 10.82
N LYS A 657 -19.42 -6.27 10.71
CA LYS A 657 -19.80 -4.87 10.54
C LYS A 657 -18.77 -4.10 9.72
N PHE A 658 -19.27 -3.42 8.70
CA PHE A 658 -18.58 -2.28 8.06
C PHE A 658 -19.60 -1.14 7.99
N ASP A 659 -19.26 -0.09 7.24
CA ASP A 659 -20.20 1.00 6.98
C ASP A 659 -19.80 1.77 5.73
N ARG A 666 -7.77 6.24 6.94
CA ARG A 666 -7.15 5.15 6.20
C ARG A 666 -5.64 5.12 6.41
N ASN A 667 -4.94 6.04 5.76
CA ASN A 667 -3.49 6.10 5.76
C ASN A 667 -3.04 7.47 6.23
N LEU A 668 -2.32 7.51 7.36
CA LEU A 668 -1.66 8.73 7.81
C LEU A 668 -0.14 8.65 7.74
N ASN A 669 0.38 7.51 7.40
CA ASN A 669 1.79 7.42 7.27
C ASN A 669 2.19 8.38 6.22
N ASP A 670 1.58 8.31 5.06
CA ASP A 670 1.87 9.23 3.99
C ASP A 670 1.79 10.68 4.45
N THR A 671 0.87 10.99 5.37
CA THR A 671 0.72 12.36 5.82
C THR A 671 1.93 12.82 6.65
N ARG A 672 2.33 12.02 7.59
CA ARG A 672 3.45 12.41 8.38
C ARG A 672 4.66 12.53 7.55
N TYR A 673 4.80 11.67 6.59
CA TYR A 673 5.95 11.70 5.71
C TYR A 673 5.98 12.95 4.90
N VAL A 674 4.90 13.25 4.24
CA VAL A 674 4.74 14.55 3.59
C VAL A 674 5.24 15.66 4.49
N ASN A 675 4.70 15.75 5.67
CA ASN A 675 5.11 16.84 6.50
C ASN A 675 6.52 16.85 6.97
N ARG A 676 7.10 15.73 7.35
CA ARG A 676 8.44 15.85 7.78
C ARG A 676 9.22 16.35 6.64
N PHE A 677 9.00 15.85 5.45
CA PHE A 677 9.74 16.30 4.35
C PHE A 677 9.51 17.71 4.06
N LEU A 678 8.29 18.18 4.16
CA LEU A 678 8.06 19.54 3.83
C LEU A 678 8.77 20.45 4.73
N CYS A 679 8.77 20.19 6.01
CA CYS A 679 9.44 21.08 6.90
C CYS A 679 10.90 21.14 6.61
N GLN A 680 11.50 20.02 6.41
CA GLN A 680 12.90 19.98 6.13
C GLN A 680 13.21 20.64 4.85
N PHE A 681 12.41 20.38 3.84
CA PHE A 681 12.67 20.96 2.57
C PHE A 681 12.55 22.44 2.62
N VAL A 682 11.52 22.94 3.24
CA VAL A 682 11.35 24.35 3.26
C VAL A 682 12.43 25.03 4.00
N ALA A 683 12.83 24.50 5.12
CA ALA A 683 13.85 25.15 5.86
C ALA A 683 15.14 25.16 5.13
N ASP A 684 15.48 24.05 4.54
CA ASP A 684 16.71 23.98 3.84
C ASP A 684 16.74 24.83 2.61
N ARG A 685 15.61 24.96 1.93
CA ARG A 685 15.61 25.67 0.66
C ARG A 685 14.74 26.86 0.36
N MET A 686 14.17 27.58 1.30
CA MET A 686 13.35 28.70 0.83
C MET A 686 13.56 29.99 1.55
N ARG A 687 13.45 31.10 0.83
CA ARG A 687 13.59 32.44 1.41
C ARG A 687 12.47 32.71 2.42
N LEU A 688 12.84 33.30 3.55
CA LEU A 688 11.90 33.65 4.61
C LEU A 688 12.35 34.94 5.27
N THR A 689 11.39 35.80 5.60
CA THR A 689 11.65 37.14 6.10
C THR A 689 11.72 37.20 7.63
N GLY A 690 11.41 36.10 8.31
CA GLY A 690 11.38 36.11 9.76
C GLY A 690 12.70 36.54 10.38
N LYS A 691 12.62 36.90 11.67
CA LYS A 691 13.75 37.56 12.34
C LYS A 691 14.87 36.58 12.67
N GLY A 692 14.54 35.37 13.08
CA GLY A 692 15.53 34.43 13.56
C GLY A 692 16.29 33.75 12.43
N LYS A 693 16.85 32.59 12.76
CA LYS A 693 17.47 31.71 11.78
C LYS A 693 16.59 30.53 11.39
N LYS A 694 15.76 30.04 12.31
CA LYS A 694 14.80 28.97 12.03
C LYS A 694 13.42 29.59 11.88
N ARG A 695 13.02 29.74 10.64
CA ARG A 695 11.79 30.36 10.30
C ARG A 695 10.69 29.41 9.86
N VAL A 696 10.82 28.12 10.11
CA VAL A 696 9.78 27.19 9.79
C VAL A 696 9.47 26.54 11.08
N PHE A 697 8.21 26.42 11.41
CA PHE A 697 7.83 25.83 12.64
C PHE A 697 7.07 24.62 12.32
N ALA A 698 7.51 23.51 12.86
CA ALA A 698 6.91 22.26 12.62
C ALA A 698 6.01 22.08 13.73
N SER A 699 4.74 21.94 13.44
CA SER A 699 3.75 21.79 14.47
C SER A 699 3.11 20.45 14.31
N ASN A 700 2.12 20.19 15.12
CA ASN A 700 1.46 18.94 15.00
C ASN A 700 0.05 19.07 15.34
N GLY A 701 -0.73 18.07 15.02
CA GLY A 701 -2.13 18.09 15.28
C GLY A 701 -2.48 18.25 16.72
N GLN A 702 -1.74 17.65 17.61
CA GLN A 702 -2.03 17.82 18.98
C GLN A 702 -1.90 19.27 19.38
N ILE A 703 -0.95 20.05 18.88
CA ILE A 703 -0.93 21.45 19.27
C ILE A 703 -2.10 22.19 18.63
N THR A 704 -2.46 21.84 17.41
CA THR A 704 -3.62 22.45 16.78
C THR A 704 -4.91 22.07 17.50
N ASN A 705 -5.06 20.80 17.88
CA ASN A 705 -6.24 20.36 18.60
C ASN A 705 -6.37 21.13 19.92
N LEU A 706 -5.27 21.25 20.66
CA LEU A 706 -5.31 21.96 21.94
C LEU A 706 -5.62 23.43 21.76
N LEU A 707 -5.07 24.05 20.71
CA LEU A 707 -5.36 25.47 20.51
C LEU A 707 -6.80 25.69 20.06
N ARG A 708 -7.35 24.78 19.26
CA ARG A 708 -8.75 24.91 18.86
C ARG A 708 -9.69 24.65 20.04
N GLY A 709 -9.30 23.77 20.96
CA GLY A 709 -10.10 23.59 22.16
C GLY A 709 -9.96 24.75 23.13
N PHE A 710 -8.78 25.38 23.19
CA PHE A 710 -8.53 26.50 24.08
C PHE A 710 -9.11 27.81 23.53
N TRP A 711 -9.32 27.91 22.22
CA TRP A 711 -9.76 29.14 21.60
C TRP A 711 -11.23 29.08 21.19
N GLY A 712 -11.94 27.99 21.50
CA GLY A 712 -13.36 27.88 21.27
C GLY A 712 -13.75 27.04 20.07
N LEU A 713 -12.82 26.70 19.19
CA LEU A 713 -13.14 26.09 17.90
C LEU A 713 -13.07 24.55 18.01
N ARG A 714 -13.94 23.99 18.84
CA ARG A 714 -13.80 22.58 19.20
C ARG A 714 -14.39 21.65 18.13
N LYS A 715 -15.54 22.02 17.56
CA LYS A 715 -16.00 21.54 16.25
C LYS A 715 -16.15 20.02 16.21
N VAL A 716 -17.15 19.54 16.92
CA VAL A 716 -17.51 18.12 16.87
C VAL A 716 -18.16 17.81 15.52
N ARG A 717 -17.43 17.08 14.68
CA ARG A 717 -17.96 16.30 13.55
C ARG A 717 -18.49 17.12 12.38
N ALA A 718 -18.13 18.40 12.29
CA ALA A 718 -18.62 19.24 11.20
C ALA A 718 -17.72 19.18 9.97
N GLU A 719 -17.08 18.03 9.75
CA GLU A 719 -15.98 17.88 8.80
C GLU A 719 -16.42 18.11 7.35
N ASN A 720 -16.09 19.29 6.81
CA ASN A 720 -16.25 19.59 5.40
C ASN A 720 -15.02 20.38 4.95
N ASP A 721 -14.67 20.21 3.67
CA ASP A 721 -13.38 20.62 3.13
C ASP A 721 -12.91 21.97 3.65
N ARG A 722 -13.86 22.92 3.78
CA ARG A 722 -13.54 24.23 4.33
C ARG A 722 -12.78 24.16 5.64
N HIS A 723 -13.02 23.11 6.46
CA HIS A 723 -12.41 23.08 7.78
C HIS A 723 -10.90 23.04 7.69
N HIS A 724 -10.35 22.50 6.60
CA HIS A 724 -8.89 22.45 6.46
C HIS A 724 -8.28 23.85 6.42
N ALA A 725 -9.04 24.85 5.94
CA ALA A 725 -8.58 26.22 6.06
C ALA A 725 -8.51 26.65 7.51
N LEU A 726 -9.54 26.32 8.30
CA LEU A 726 -9.59 26.71 9.70
C LEU A 726 -8.35 26.23 10.45
N ASP A 727 -8.06 24.92 10.37
CA ASP A 727 -6.82 24.39 10.94
C ASP A 727 -5.62 25.24 10.53
N ALA A 728 -5.50 25.52 9.22
CA ALA A 728 -4.38 26.30 8.72
C ALA A 728 -4.24 27.61 9.50
N VAL A 729 -5.35 28.30 9.74
CA VAL A 729 -5.30 29.54 10.52
C VAL A 729 -4.63 29.29 11.86
N VAL A 730 -5.12 28.30 12.60
CA VAL A 730 -4.53 27.94 13.88
C VAL A 730 -3.05 27.63 13.69
N VAL A 731 -2.70 26.90 12.63
CA VAL A 731 -1.30 26.56 12.38
C VAL A 731 -0.48 27.82 12.21
N ALA A 732 -1.02 28.81 11.50
CA ALA A 732 -0.30 30.06 11.34
C ALA A 732 -0.19 30.82 12.65
N CYS A 733 -1.18 30.65 13.54
CA CYS A 733 -1.13 31.34 14.82
C CYS A 733 -0.29 30.60 15.85
N SER A 734 -0.06 29.30 15.64
CA SER A 734 0.74 28.50 16.57
C SER A 734 2.20 28.95 16.50
N THR A 735 2.83 29.11 17.67
CA THR A 735 4.23 29.54 17.72
C THR A 735 5.03 28.58 18.60
N VAL A 736 6.35 28.71 18.50
CA VAL A 736 7.26 27.84 19.24
C VAL A 736 7.05 27.97 20.73
N ALA A 737 6.83 29.20 21.21
CA ALA A 737 6.60 29.42 22.63
C ALA A 737 5.39 28.64 23.11
N MET A 738 4.32 28.62 22.33
CA MET A 738 3.16 27.83 22.69
C MET A 738 3.46 26.34 22.64
N GLN A 739 4.28 25.90 21.68
CA GLN A 739 4.70 24.50 21.63
C GLN A 739 5.34 24.10 22.94
N GLN A 740 6.29 24.91 23.36
CA GLN A 740 7.10 24.70 24.54
C GLN A 740 6.32 24.73 25.79
N LYS A 741 5.42 25.67 25.85
CA LYS A 741 4.53 25.82 27.01
C LYS A 741 3.55 24.65 27.12
N ILE A 742 2.98 24.22 25.99
CA ILE A 742 2.09 23.06 26.00
C ILE A 742 2.86 21.82 26.43
N THR A 743 4.05 21.62 25.85
CA THR A 743 4.87 20.48 26.21
C THR A 743 5.15 20.47 27.70
N ARG A 744 5.43 21.64 28.26
CA ARG A 744 5.71 21.71 29.69
C ARG A 744 4.48 21.38 30.52
N PHE A 745 3.30 21.85 30.09
CA PHE A 745 2.09 21.55 30.83
C PHE A 745 1.70 20.07 30.78
N VAL A 746 1.92 19.41 29.64
CA VAL A 746 1.51 18.01 29.54
C VAL A 746 2.56 17.08 30.16
N ARG A 747 3.84 17.42 30.02
CA ARG A 747 4.90 16.54 30.50
C ARG A 747 5.13 16.70 32.01
N TYR A 748 5.18 17.93 32.50
CA TYR A 748 5.54 18.17 33.89
C TYR A 748 4.37 18.62 34.76
N LYS A 749 3.23 18.96 34.17
CA LYS A 749 2.07 19.42 34.94
C LYS A 749 0.84 18.53 34.73
N GLU A 750 1.02 17.34 34.16
CA GLU A 750 -0.04 16.33 34.06
C GLU A 750 -1.29 16.86 33.35
N MET A 751 -1.09 17.39 32.15
CA MET A 751 -2.21 17.81 31.32
C MET A 751 -2.45 16.80 30.22
N ASN A 752 -3.72 16.42 30.03
CA ASN A 752 -4.10 15.59 28.91
C ASN A 752 -3.89 16.35 27.61
N ALA A 753 -3.23 15.71 26.65
CA ALA A 753 -2.83 16.37 25.41
C ALA A 753 -3.87 16.24 24.30
N PHE A 754 -5.13 15.93 24.63
CA PHE A 754 -6.20 16.11 23.66
C PHE A 754 -7.33 16.97 24.18
N ASP A 755 -7.84 16.70 25.38
CA ASP A 755 -8.94 17.52 25.89
C ASP A 755 -8.45 18.78 26.57
N GLY A 756 -7.18 18.84 26.97
CA GLY A 756 -6.62 20.03 27.57
C GLY A 756 -6.96 20.22 29.02
N LYS A 757 -7.26 19.15 29.75
CA LYS A 757 -7.79 19.23 31.10
C LYS A 757 -6.80 18.60 32.08
N THR A 758 -6.70 19.19 33.27
CA THR A 758 -5.91 18.63 34.36
C THR A 758 -6.82 18.33 35.55
N ILE A 759 -6.40 17.34 36.35
CA ILE A 759 -7.18 16.89 37.49
C ILE A 759 -6.29 16.96 38.72
N ASP A 760 -6.74 17.70 39.74
CA ASP A 760 -5.94 17.86 40.95
C ASP A 760 -6.07 16.65 41.87
N THR A 763 -8.88 18.00 44.61
CA THR A 763 -8.74 16.60 44.29
C THR A 763 -9.89 16.22 43.43
N GLY A 764 -9.60 15.74 42.23
CA GLY A 764 -10.61 15.36 41.27
C GLY A 764 -11.35 16.55 40.70
N GLU A 765 -10.71 17.70 40.66
CA GLU A 765 -11.30 18.91 40.17
C GLU A 765 -11.70 18.99 38.71
N VAL A 766 -10.88 18.42 37.82
CA VAL A 766 -11.09 18.47 36.38
C VAL A 766 -11.17 19.82 35.70
N LEU A 767 -10.09 20.59 35.77
CA LEU A 767 -10.03 21.91 35.17
C LEU A 767 -9.36 22.02 33.82
N HIS A 768 -10.06 22.61 32.86
CA HIS A 768 -9.59 22.84 31.52
C HIS A 768 -8.68 24.00 31.62
N GLN A 769 -7.49 23.89 31.05
CA GLN A 769 -6.44 24.91 31.15
C GLN A 769 -6.54 25.94 30.04
N LYS A 770 -7.73 26.54 29.87
CA LYS A 770 -7.96 27.50 28.79
C LYS A 770 -7.20 28.80 29.01
N THR A 771 -7.02 29.22 30.27
CA THR A 771 -6.55 30.56 30.58
C THR A 771 -5.15 30.84 30.02
N HIS A 772 -4.27 29.83 30.07
CA HIS A 772 -2.85 30.06 29.87
C HIS A 772 -2.48 30.33 28.42
N PHE A 773 -3.40 30.15 27.48
CA PHE A 773 -3.09 30.21 26.05
C PHE A 773 -4.04 31.21 25.39
N PRO A 774 -3.79 32.51 25.55
CA PRO A 774 -4.69 33.51 24.98
C PRO A 774 -4.69 33.45 23.46
N GLN A 775 -5.89 33.57 22.89
CA GLN A 775 -6.05 33.58 21.45
C GLN A 775 -5.47 34.86 20.86
N PRO A 776 -5.12 34.84 19.57
CA PRO A 776 -4.47 36.01 18.95
C PRO A 776 -5.16 37.34 19.19
N TRP A 777 -6.46 37.43 18.89
CA TRP A 777 -7.27 38.61 19.15
C TRP A 777 -8.57 38.18 19.83
N GLU A 778 -9.30 39.16 20.35
CA GLU A 778 -10.38 38.86 21.30
C GLU A 778 -11.44 37.94 20.69
N PHE A 779 -11.99 38.32 19.55
CA PHE A 779 -13.10 37.59 18.93
C PHE A 779 -12.60 36.64 17.86
N PHE A 780 -11.42 36.04 18.09
CA PHE A 780 -10.77 35.19 17.10
C PHE A 780 -11.71 34.11 16.55
N ALA A 781 -12.42 33.45 17.43
CA ALA A 781 -13.27 32.40 16.95
C ALA A 781 -14.32 32.89 16.01
N GLN A 782 -14.99 33.96 16.36
CA GLN A 782 -16.04 34.40 15.49
C GLN A 782 -15.53 34.81 14.15
N GLU A 783 -14.49 35.58 14.12
CA GLU A 783 -14.02 36.01 12.86
C GLU A 783 -13.59 34.86 12.07
N VAL A 784 -12.92 33.93 12.70
CA VAL A 784 -12.42 32.83 11.94
C VAL A 784 -13.51 32.03 11.31
N MET A 785 -14.56 31.75 12.05
CA MET A 785 -15.63 30.96 11.54
C MET A 785 -16.26 31.68 10.43
N ILE A 786 -16.39 32.96 10.56
CA ILE A 786 -17.02 33.61 9.43
C ILE A 786 -16.14 33.56 8.19
N ARG A 787 -14.90 33.96 8.31
CA ARG A 787 -14.07 33.97 7.13
C ARG A 787 -13.89 32.64 6.46
N VAL A 788 -13.67 31.60 7.24
CA VAL A 788 -13.46 30.26 6.73
C VAL A 788 -14.67 29.57 6.17
N PHE A 789 -15.78 29.68 6.86
CA PHE A 789 -16.98 29.01 6.47
C PHE A 789 -18.09 29.81 5.95
N GLY A 790 -17.93 31.11 5.81
CA GLY A 790 -19.02 31.94 5.36
C GLY A 790 -20.08 32.27 6.40
N LYS A 791 -20.74 31.31 6.99
CA LYS A 791 -21.73 31.62 8.00
C LYS A 791 -21.08 31.92 9.32
N PRO A 792 -21.84 32.46 10.25
CA PRO A 792 -21.46 32.90 11.58
C PRO A 792 -21.15 31.71 12.43
N ASP A 793 -20.35 31.90 13.46
CA ASP A 793 -19.94 30.78 14.25
C ASP A 793 -21.01 30.03 14.95
N GLY A 794 -21.92 30.71 15.58
CA GLY A 794 -22.88 29.99 16.39
C GLY A 794 -23.79 29.06 15.62
N LYS A 795 -24.20 29.45 14.42
CA LYS A 795 -25.26 28.76 13.70
C LYS A 795 -24.78 28.26 12.35
N PRO A 796 -24.84 26.96 12.12
CA PRO A 796 -24.55 26.49 10.78
C PRO A 796 -25.79 26.65 9.92
N GLU A 797 -26.92 26.92 10.53
CA GLU A 797 -28.18 27.04 9.83
C GLU A 797 -28.23 28.14 8.82
N PHE A 798 -27.60 29.26 9.06
CA PHE A 798 -27.68 30.36 8.14
C PHE A 798 -27.14 30.08 6.76
N GLU A 799 -27.69 30.76 5.79
CA GLU A 799 -27.19 30.63 4.46
C GLU A 799 -25.89 31.38 4.43
N GLU A 800 -24.96 30.90 3.65
CA GLU A 800 -23.64 31.47 3.52
C GLU A 800 -23.64 32.79 2.80
N ALA A 801 -22.65 33.62 3.09
CA ALA A 801 -22.41 34.84 2.40
C ALA A 801 -21.56 34.31 1.31
N ASP A 802 -21.93 34.51 0.06
CA ASP A 802 -21.23 33.90 -1.06
C ASP A 802 -20.63 34.92 -2.02
N THR A 803 -20.38 36.14 -1.57
CA THR A 803 -19.69 37.13 -2.39
C THR A 803 -19.05 38.16 -1.48
N LEU A 804 -18.22 39.02 -2.09
CA LEU A 804 -17.49 40.04 -1.34
C LEU A 804 -18.42 40.89 -0.48
N GLU A 805 -19.47 41.44 -1.10
CA GLU A 805 -20.33 42.39 -0.40
C GLU A 805 -21.04 41.72 0.78
N LYS A 806 -21.63 40.55 0.54
CA LYS A 806 -22.36 39.85 1.59
C LYS A 806 -21.44 39.50 2.75
N LEU A 807 -20.25 38.98 2.46
CA LEU A 807 -19.34 38.56 3.53
C LEU A 807 -18.80 39.75 4.31
N ARG A 808 -18.42 40.82 3.60
CA ARG A 808 -17.93 42.02 4.27
C ARG A 808 -19.01 42.60 5.18
N THR A 809 -20.24 42.70 4.68
CA THR A 809 -21.33 43.20 5.52
C THR A 809 -21.56 42.29 6.73
N LEU A 810 -21.57 40.98 6.49
CA LEU A 810 -21.81 40.02 7.57
C LEU A 810 -20.78 40.15 8.67
N LEU A 811 -19.50 40.27 8.32
CA LEU A 811 -18.49 40.27 9.37
C LEU A 811 -18.29 41.65 9.97
N ALA A 812 -18.57 42.72 9.22
CA ALA A 812 -18.61 44.03 9.83
C ALA A 812 -19.77 44.15 10.81
N GLU A 813 -20.84 43.39 10.57
CA GLU A 813 -21.97 43.33 11.50
C GLU A 813 -21.68 42.50 12.74
N LYS A 814 -21.43 41.20 12.53
CA LYS A 814 -21.40 40.25 13.63
C LYS A 814 -20.36 40.64 14.67
N LEU A 815 -19.12 40.83 14.23
CA LEU A 815 -18.07 41.39 15.08
C LEU A 815 -18.05 42.88 14.76
N SER A 816 -18.82 43.63 15.52
CA SER A 816 -18.91 45.07 15.35
C SER A 816 -17.69 45.87 15.75
N SER A 817 -17.15 45.47 16.89
CA SER A 817 -16.02 46.14 17.52
C SER A 817 -14.72 46.13 16.78
N ARG A 818 -14.41 45.04 16.11
CA ARG A 818 -13.15 44.93 15.40
C ARG A 818 -13.27 45.28 13.97
N PRO A 819 -12.64 46.35 13.58
CA PRO A 819 -12.66 46.94 12.26
C PRO A 819 -11.57 46.49 11.38
N GLU A 820 -10.72 45.66 11.90
CA GLU A 820 -9.64 45.14 11.11
C GLU A 820 -10.06 43.81 10.51
N ALA A 821 -11.23 43.31 10.87
CA ALA A 821 -11.74 42.07 10.36
C ALA A 821 -11.98 42.13 8.87
N VAL A 822 -12.43 43.28 8.38
CA VAL A 822 -12.70 43.47 6.99
C VAL A 822 -11.62 44.30 6.38
N HIS A 823 -11.28 44.02 5.15
CA HIS A 823 -10.21 44.69 4.43
C HIS A 823 -10.20 44.20 2.99
N GLU A 824 -9.11 44.48 2.27
CA GLU A 824 -9.04 44.20 0.84
C GLU A 824 -9.34 42.74 0.54
N TYR A 825 -8.69 41.82 1.26
CA TYR A 825 -8.48 40.46 0.80
C TYR A 825 -9.51 39.48 1.37
N VAL A 826 -10.74 39.93 1.58
CA VAL A 826 -11.70 39.16 2.38
C VAL A 826 -12.68 38.45 1.44
N THR A 827 -12.24 38.15 0.22
CA THR A 827 -12.99 37.31 -0.72
C THR A 827 -13.43 36.03 -0.04
N PRO A 828 -14.59 35.48 -0.40
CA PRO A 828 -15.07 34.26 0.26
C PRO A 828 -14.18 33.06 -0.03
N LEU A 829 -14.44 31.98 0.70
CA LEU A 829 -13.67 30.75 0.57
C LEU A 829 -14.34 29.84 -0.46
N PHE A 830 -13.67 29.66 -1.59
CA PHE A 830 -14.12 28.76 -2.65
C PHE A 830 -13.05 27.71 -2.83
N VAL A 831 -13.35 26.47 -2.44
CA VAL A 831 -12.36 25.41 -2.36
C VAL A 831 -11.90 25.04 -3.77
N SER A 832 -10.64 25.30 -4.07
CA SER A 832 -10.08 24.89 -5.36
C SER A 832 -9.93 23.37 -5.41
N ARG A 833 -10.04 22.83 -6.62
CA ARG A 833 -9.84 21.39 -6.84
C ARG A 833 -8.99 21.16 -8.08
N ALA A 834 -7.96 20.34 -7.93
CA ALA A 834 -7.04 20.08 -9.02
C ALA A 834 -7.76 19.34 -10.15
N PRO A 835 -7.46 19.68 -11.41
CA PRO A 835 -8.07 18.96 -12.53
C PRO A 835 -7.30 17.70 -12.92
N ASN A 836 -8.04 16.65 -13.22
CA ASN A 836 -7.48 15.40 -13.71
C ASN A 836 -7.74 15.30 -15.21
N ARG A 837 -6.87 15.92 -16.00
CA ARG A 837 -7.00 15.89 -17.45
C ARG A 837 -6.13 14.81 -18.09
N LYS A 838 -5.86 13.74 -17.34
CA LYS A 838 -5.04 12.66 -17.85
C LYS A 838 -5.89 11.77 -18.76
N MET A 839 -5.25 11.21 -19.79
CA MET A 839 -5.94 10.47 -20.84
C MET A 839 -5.94 8.95 -20.67
N SER A 840 -5.22 8.42 -19.70
CA SER A 840 -5.14 6.97 -19.50
C SER A 840 -5.97 6.54 -18.31
N GLY A 841 -6.14 5.24 -18.18
CA GLY A 841 -6.92 4.68 -17.10
C GLY A 841 -7.35 3.26 -17.42
N GLN A 842 -8.07 2.68 -16.46
CA GLN A 842 -8.60 1.33 -16.64
C GLN A 842 -9.52 1.29 -17.84
N GLY A 843 -9.16 0.48 -18.84
CA GLY A 843 -9.91 0.48 -20.09
C GLY A 843 -11.32 -0.06 -19.94
N HIS A 844 -11.51 -1.09 -19.12
CA HIS A 844 -12.80 -1.74 -18.99
C HIS A 844 -12.83 -2.52 -17.68
N MET A 845 -14.04 -2.90 -17.27
CA MET A 845 -14.20 -3.67 -16.05
C MET A 845 -13.64 -5.08 -16.25
N GLU A 846 -13.40 -5.78 -15.14
CA GLU A 846 -12.61 -6.99 -15.18
C GLU A 846 -13.44 -8.27 -15.31
N THR A 847 -14.75 -8.20 -15.08
CA THR A 847 -15.62 -9.33 -15.42
C THR A 847 -15.89 -9.31 -16.92
N VAL A 848 -15.64 -10.43 -17.57
CA VAL A 848 -15.92 -10.58 -19.00
C VAL A 848 -17.29 -11.25 -19.13
N LYS A 849 -18.10 -10.74 -20.05
CA LYS A 849 -19.47 -11.22 -20.24
C LYS A 849 -19.66 -11.67 -21.68
N SER A 850 -20.53 -12.67 -21.85
CA SER A 850 -20.78 -13.22 -23.18
C SER A 850 -21.51 -12.22 -24.06
N ALA A 851 -20.99 -12.00 -25.26
CA ALA A 851 -21.57 -11.05 -26.21
C ALA A 851 -22.20 -11.75 -27.41
N LYS A 852 -22.39 -13.07 -27.35
CA LYS A 852 -22.96 -13.80 -28.48
C LYS A 852 -24.36 -13.31 -28.81
N ARG A 853 -24.95 -12.56 -27.90
CA ARG A 853 -26.26 -12.02 -28.11
C ARG A 853 -26.23 -10.54 -27.89
N LEU A 854 -25.17 -9.90 -28.28
CA LEU A 854 -25.06 -8.49 -28.05
C LEU A 854 -25.96 -7.65 -28.88
N ASP A 855 -26.37 -8.12 -30.04
CA ASP A 855 -27.26 -7.34 -30.86
C ASP A 855 -28.56 -7.09 -30.17
N GLU A 856 -29.09 -8.12 -29.54
CA GLU A 856 -30.30 -8.00 -28.76
C GLU A 856 -30.12 -6.93 -27.74
N GLY A 857 -29.05 -6.97 -26.98
CA GLY A 857 -28.84 -5.94 -26.02
C GLY A 857 -28.73 -6.52 -24.68
N VAL A 858 -28.06 -7.66 -24.63
CA VAL A 858 -27.88 -8.36 -23.42
C VAL A 858 -26.57 -9.05 -23.34
N SER A 859 -25.96 -8.99 -22.17
CA SER A 859 -24.84 -9.88 -21.89
C SER A 859 -25.35 -11.11 -21.17
N VAL A 860 -24.51 -12.14 -21.14
CA VAL A 860 -24.81 -13.37 -20.45
C VAL A 860 -23.62 -13.72 -19.58
N LEU A 861 -23.85 -13.83 -18.27
CA LEU A 861 -22.80 -14.19 -17.33
C LEU A 861 -23.31 -15.33 -16.48
N ARG A 862 -22.47 -16.34 -16.25
CA ARG A 862 -22.90 -17.50 -15.48
C ARG A 862 -22.70 -17.23 -13.99
N VAL A 863 -23.82 -17.21 -13.26
CA VAL A 863 -23.85 -16.86 -11.86
C VAL A 863 -23.86 -18.13 -11.03
N PRO A 864 -23.07 -18.21 -9.96
CA PRO A 864 -23.17 -19.37 -9.05
C PRO A 864 -24.52 -19.38 -8.35
N LEU A 865 -24.97 -20.58 -8.00
CA LEU A 865 -26.25 -20.70 -7.30
C LEU A 865 -26.20 -20.05 -5.92
N THR A 866 -25.10 -20.26 -5.20
CA THR A 866 -24.94 -19.65 -3.88
C THR A 866 -25.07 -18.13 -3.94
N GLN A 867 -24.98 -17.56 -5.14
CA GLN A 867 -25.17 -16.13 -5.36
C GLN A 867 -26.44 -15.85 -6.17
N LEU A 868 -27.11 -16.88 -6.67
CA LEU A 868 -28.28 -16.70 -7.53
C LEU A 868 -29.47 -16.29 -6.66
N LYS A 869 -29.77 -15.00 -6.66
CA LYS A 869 -30.90 -14.47 -5.92
C LYS A 869 -32.11 -14.40 -6.85
N LEU A 870 -33.30 -14.28 -6.25
CA LEU A 870 -34.52 -14.61 -6.98
C LEU A 870 -34.76 -13.64 -8.13
N LYS A 871 -34.30 -12.39 -8.02
CA LYS A 871 -34.38 -11.47 -9.15
C LYS A 871 -33.46 -11.89 -10.29
N ASP A 872 -32.34 -12.55 -9.96
CA ASP A 872 -31.48 -13.09 -11.01
C ASP A 872 -32.13 -14.27 -11.71
N LEU A 873 -32.84 -15.11 -10.96
CA LEU A 873 -33.41 -16.34 -11.52
C LEU A 873 -34.35 -16.06 -12.69
N GLU A 874 -35.17 -15.03 -12.58
CA GLU A 874 -36.12 -14.76 -13.66
C GLU A 874 -35.44 -14.22 -14.91
N LYS A 875 -34.15 -13.91 -14.85
CA LYS A 875 -33.38 -13.55 -16.03
C LYS A 875 -32.42 -14.66 -16.44
N MET A 876 -32.55 -15.84 -15.86
CA MET A 876 -31.83 -17.02 -16.33
C MET A 876 -32.19 -17.32 -17.78
N VAL A 877 -31.20 -17.76 -18.55
CA VAL A 877 -31.39 -17.93 -19.99
C VAL A 877 -32.37 -19.07 -20.29
N ASN A 878 -32.18 -20.23 -19.66
CA ASN A 878 -33.14 -21.32 -19.83
C ASN A 878 -34.25 -21.26 -18.80
N ARG A 879 -34.86 -20.08 -18.65
CA ARG A 879 -36.07 -20.00 -17.84
C ARG A 879 -37.18 -20.81 -18.47
N GLU A 880 -37.23 -20.86 -19.80
CA GLU A 880 -38.26 -21.59 -20.53
C GLU A 880 -37.77 -22.87 -21.18
N ARG A 881 -36.52 -22.92 -21.66
CA ARG A 881 -35.96 -24.17 -22.16
C ARG A 881 -36.00 -25.27 -21.10
N GLU A 882 -35.68 -24.91 -19.85
CA GLU A 882 -35.69 -25.82 -18.71
C GLU A 882 -36.69 -25.32 -17.68
N PRO A 883 -37.99 -25.56 -17.90
CA PRO A 883 -38.99 -25.01 -16.96
C PRO A 883 -38.96 -25.66 -15.59
N LYS A 884 -38.78 -26.99 -15.54
CA LYS A 884 -38.68 -27.67 -14.24
C LYS A 884 -37.50 -27.13 -13.44
N LEU A 885 -36.39 -26.82 -14.12
CA LEU A 885 -35.23 -26.28 -13.42
C LEU A 885 -35.53 -24.91 -12.82
N TYR A 886 -36.13 -24.03 -13.62
CA TYR A 886 -36.56 -22.73 -13.12
C TYR A 886 -37.47 -22.88 -11.90
N GLU A 887 -38.44 -23.79 -11.99
CA GLU A 887 -39.40 -23.92 -10.89
C GLU A 887 -38.74 -24.50 -9.63
N ALA A 888 -37.81 -25.44 -9.79
CA ALA A 888 -37.13 -26.00 -8.62
C ALA A 888 -36.22 -24.97 -7.96
N LEU A 889 -35.52 -24.17 -8.76
CA LEU A 889 -34.70 -23.10 -8.21
C LEU A 889 -35.57 -22.09 -7.47
N LYS A 890 -36.69 -21.72 -8.08
CA LYS A 890 -37.67 -20.86 -7.41
C LYS A 890 -38.14 -21.47 -6.09
N ALA A 891 -38.40 -22.78 -6.10
CA ALA A 891 -38.86 -23.45 -4.88
C ALA A 891 -37.83 -23.32 -3.77
N ARG A 892 -36.57 -23.55 -4.08
CA ARG A 892 -35.57 -23.44 -3.05
C ARG A 892 -35.41 -22.03 -2.56
N LEU A 893 -35.37 -21.08 -3.45
CA LEU A 893 -35.25 -19.69 -3.00
C LEU A 893 -36.44 -19.27 -2.13
N GLU A 894 -37.66 -19.64 -2.52
CA GLU A 894 -38.82 -19.25 -1.73
C GLU A 894 -38.84 -19.96 -0.39
N ALA A 895 -38.38 -21.21 -0.34
CA ALA A 895 -38.34 -21.94 0.91
C ALA A 895 -37.25 -21.42 1.84
N HIS A 896 -36.25 -20.71 1.30
CA HIS A 896 -35.17 -20.18 2.12
C HIS A 896 -35.15 -18.66 2.16
N LYS A 897 -36.30 -18.02 1.97
CA LYS A 897 -36.44 -16.57 2.13
C LYS A 897 -35.45 -15.80 1.24
N ASP A 898 -35.19 -16.35 0.05
CA ASP A 898 -34.37 -15.70 -0.98
C ASP A 898 -32.95 -15.44 -0.47
N ASP A 899 -32.43 -16.34 0.35
CA ASP A 899 -31.03 -16.32 0.76
C ASP A 899 -30.29 -17.43 0.02
N PRO A 900 -29.61 -17.12 -1.09
CA PRO A 900 -29.01 -18.19 -1.90
C PRO A 900 -27.98 -19.03 -1.16
N ALA A 901 -27.18 -18.40 -0.29
CA ALA A 901 -26.17 -19.15 0.45
C ALA A 901 -26.80 -20.23 1.30
N LYS A 902 -27.98 -19.95 1.87
CA LYS A 902 -28.69 -20.98 2.62
C LYS A 902 -29.55 -21.84 1.71
N ALA A 903 -30.10 -21.25 0.65
CA ALA A 903 -30.98 -22.00 -0.24
C ALA A 903 -30.24 -23.07 -1.01
N PHE A 904 -28.97 -22.83 -1.34
CA PHE A 904 -28.20 -23.76 -2.15
C PHE A 904 -26.98 -24.26 -1.42
N ALA A 905 -27.04 -24.30 -0.08
CA ALA A 905 -26.00 -24.98 0.68
C ALA A 905 -26.06 -26.48 0.43
N GLU A 906 -27.26 -27.04 0.37
CA GLU A 906 -27.42 -28.41 -0.08
C GLU A 906 -27.26 -28.47 -1.59
N PRO A 907 -26.51 -29.43 -2.13
CA PRO A 907 -26.30 -29.49 -3.58
C PRO A 907 -27.62 -29.61 -4.33
N PHE A 908 -27.70 -28.92 -5.45
CA PHE A 908 -28.87 -28.89 -6.31
C PHE A 908 -28.55 -29.71 -7.56
N TYR A 909 -29.43 -30.64 -7.92
CA TYR A 909 -29.28 -31.41 -9.14
C TYR A 909 -30.52 -31.26 -10.01
N LYS A 910 -30.32 -31.57 -11.29
CA LYS A 910 -31.41 -31.72 -12.24
C LYS A 910 -32.01 -33.12 -12.11
N TYR A 911 -33.24 -33.25 -12.59
CA TYR A 911 -33.95 -34.52 -12.53
C TYR A 911 -34.62 -34.79 -13.86
N ASP A 912 -34.43 -36.01 -14.38
CA ASP A 912 -35.09 -36.36 -15.62
C ASP A 912 -36.59 -36.55 -15.39
N LYS A 913 -37.30 -36.82 -16.48
CA LYS A 913 -38.76 -36.98 -16.40
C LYS A 913 -39.14 -38.19 -15.53
N ALA A 914 -38.28 -39.20 -15.47
CA ALA A 914 -38.57 -40.39 -14.67
C ALA A 914 -38.45 -40.15 -13.17
N GLY A 915 -37.87 -39.02 -12.76
CA GLY A 915 -37.69 -38.73 -11.35
C GLY A 915 -36.32 -39.06 -10.80
N ASN A 916 -35.39 -39.52 -11.64
CA ASN A 916 -34.05 -39.89 -11.20
C ASN A 916 -33.16 -38.66 -11.10
N ARG A 917 -32.15 -38.76 -10.24
CA ARG A 917 -31.20 -37.65 -10.08
C ARG A 917 -30.18 -37.66 -11.22
N THR A 918 -29.80 -36.47 -11.66
CA THR A 918 -28.87 -36.30 -12.77
C THR A 918 -27.91 -35.18 -12.39
N GLN A 919 -27.39 -34.48 -13.36
CA GLN A 919 -26.31 -33.60 -13.03
C GLN A 919 -26.46 -32.57 -12.05
N GLN A 920 -25.37 -32.30 -11.40
CA GLN A 920 -25.47 -31.24 -10.41
C GLN A 920 -25.39 -29.87 -11.09
N VAL A 921 -26.10 -28.91 -10.51
CA VAL A 921 -26.02 -27.52 -10.94
C VAL A 921 -25.28 -26.75 -9.87
N LYS A 922 -24.23 -26.03 -10.27
CA LYS A 922 -23.51 -25.12 -9.39
C LYS A 922 -23.49 -23.70 -9.91
N ALA A 923 -23.86 -23.48 -11.16
CA ALA A 923 -23.98 -22.15 -11.74
C ALA A 923 -24.92 -22.24 -12.93
N VAL A 924 -25.49 -21.09 -13.29
CA VAL A 924 -26.40 -20.99 -14.43
C VAL A 924 -26.13 -19.68 -15.15
N ARG A 925 -26.09 -19.71 -16.49
CA ARG A 925 -26.06 -18.46 -17.23
C ARG A 925 -27.28 -17.60 -16.92
N VAL A 926 -27.04 -16.30 -16.80
CA VAL A 926 -28.06 -15.31 -16.50
C VAL A 926 -27.96 -14.12 -17.42
N GLU A 927 -29.06 -13.63 -17.93
CA GLU A 927 -29.08 -12.52 -18.84
C GLU A 927 -28.95 -11.20 -18.18
N GLN A 928 -28.25 -10.28 -18.80
CA GLN A 928 -28.10 -8.96 -18.25
C GLN A 928 -28.13 -7.93 -19.31
N VAL A 929 -28.71 -6.80 -19.03
CA VAL A 929 -28.79 -5.77 -19.99
C VAL A 929 -27.47 -5.26 -20.33
N GLN A 930 -27.25 -4.98 -21.59
CA GLN A 930 -25.98 -4.48 -22.02
C GLN A 930 -26.12 -3.64 -23.23
N LYS A 931 -26.18 -2.34 -23.08
CA LYS A 931 -26.33 -1.53 -24.26
C LYS A 931 -25.05 -1.02 -24.79
N THR A 932 -23.98 -1.28 -24.09
CA THR A 932 -22.69 -0.84 -24.54
C THR A 932 -21.61 -1.64 -23.95
N GLY A 933 -20.39 -1.49 -24.42
CA GLY A 933 -19.38 -2.33 -23.84
C GLY A 933 -18.08 -2.25 -24.63
N VAL A 934 -17.12 -3.03 -24.17
CA VAL A 934 -15.78 -3.09 -24.73
C VAL A 934 -15.51 -4.54 -25.11
N TRP A 935 -15.23 -4.77 -26.40
CA TRP A 935 -14.85 -6.10 -26.85
C TRP A 935 -13.47 -6.45 -26.28
N VAL A 936 -13.38 -7.62 -25.67
CA VAL A 936 -12.15 -8.07 -25.02
C VAL A 936 -11.96 -9.56 -25.29
N ARG A 937 -10.72 -10.01 -25.03
CA ARG A 937 -10.33 -11.41 -25.09
C ARG A 937 -10.48 -11.97 -26.51
N ASN A 938 -9.70 -11.38 -27.43
CA ASN A 938 -9.75 -11.71 -28.86
C ASN A 938 -11.16 -11.55 -29.41
N HIS A 939 -11.86 -10.50 -28.97
CA HIS A 939 -13.18 -10.16 -29.45
C HIS A 939 -14.17 -11.29 -29.18
N ASN A 940 -13.96 -12.04 -28.09
CA ASN A 940 -14.81 -13.15 -27.71
C ASN A 940 -15.71 -12.84 -26.51
N GLY A 941 -15.41 -11.79 -25.75
CA GLY A 941 -16.26 -11.36 -24.66
C GLY A 941 -16.41 -9.86 -24.67
N ILE A 942 -17.26 -9.36 -23.77
CA ILE A 942 -17.48 -7.92 -23.65
C ILE A 942 -17.52 -7.56 -22.17
N ALA A 943 -16.99 -6.37 -21.86
CA ALA A 943 -16.94 -5.90 -20.49
C ALA A 943 -17.47 -4.47 -20.42
N ASP A 944 -17.96 -4.09 -19.24
CA ASP A 944 -18.47 -2.75 -19.05
C ASP A 944 -17.33 -1.73 -19.10
N ASN A 945 -17.70 -0.47 -19.34
CA ASN A 945 -16.72 0.60 -19.30
C ASN A 945 -16.29 0.90 -17.87
N ALA A 946 -15.03 1.28 -17.71
CA ALA A 946 -14.44 1.53 -16.41
C ALA A 946 -14.14 3.00 -16.15
N THR A 947 -13.51 3.69 -17.09
CA THR A 947 -13.09 5.07 -16.89
C THR A 947 -13.41 5.90 -18.11
N MET A 948 -14.20 6.96 -17.92
CA MET A 948 -14.54 7.92 -18.97
C MET A 948 -13.50 9.05 -18.92
N VAL A 949 -12.68 9.18 -19.96
CA VAL A 949 -11.55 10.10 -19.87
C VAL A 949 -12.00 11.55 -20.02
N ARG A 950 -12.91 11.84 -20.95
CA ARG A 950 -13.38 13.21 -21.10
C ARG A 950 -14.73 13.20 -21.81
N VAL A 951 -15.44 14.33 -21.68
CA VAL A 951 -16.74 14.55 -22.29
C VAL A 951 -16.64 15.78 -23.16
N ASP A 952 -16.72 15.59 -24.48
CA ASP A 952 -16.74 16.72 -25.39
C ASP A 952 -18.15 17.28 -25.51
N VAL A 953 -18.24 18.61 -25.53
CA VAL A 953 -19.51 19.32 -25.59
C VAL A 953 -19.57 20.04 -26.92
N PHE A 954 -20.73 19.99 -27.57
CA PHE A 954 -20.97 20.80 -28.76
C PHE A 954 -22.28 21.56 -28.59
N GLU A 955 -22.52 22.44 -29.56
CA GLU A 955 -23.72 23.27 -29.59
C GLU A 955 -24.25 23.33 -31.02
N LYS A 956 -25.55 23.10 -31.16
CA LYS A 956 -26.27 23.31 -32.41
C LYS A 956 -27.65 23.84 -32.07
N GLY A 957 -28.00 24.99 -32.62
CA GLY A 957 -29.29 25.59 -32.32
C GLY A 957 -29.51 25.87 -30.86
N ASP A 958 -28.48 26.36 -30.15
CA ASP A 958 -28.58 26.67 -28.73
C ASP A 958 -29.09 25.48 -27.92
N LYS A 959 -28.66 24.30 -28.35
CA LYS A 959 -28.82 23.04 -27.65
C LYS A 959 -27.41 22.49 -27.48
N TYR A 960 -27.10 21.91 -26.33
CA TYR A 960 -25.77 21.32 -26.18
C TYR A 960 -25.87 19.81 -26.25
N TYR A 961 -24.86 19.19 -26.86
CA TYR A 961 -24.75 17.75 -26.89
C TYR A 961 -23.42 17.30 -26.33
N LEU A 962 -23.41 16.05 -25.88
CA LEU A 962 -22.34 15.49 -25.07
C LEU A 962 -21.82 14.25 -25.77
N VAL A 963 -20.51 14.21 -26.02
CA VAL A 963 -19.89 13.04 -26.63
C VAL A 963 -19.00 12.38 -25.58
N PRO A 964 -19.37 11.22 -25.06
CA PRO A 964 -18.51 10.53 -24.09
C PRO A 964 -17.38 9.80 -24.78
N ILE A 965 -16.19 9.90 -24.18
CA ILE A 965 -14.97 9.27 -24.67
C ILE A 965 -14.39 8.48 -23.52
N TYR A 966 -14.14 7.19 -23.73
CA TYR A 966 -13.57 6.36 -22.67
C TYR A 966 -12.15 5.95 -23.03
N SER A 967 -11.53 5.23 -22.08
CA SER A 967 -10.09 4.96 -22.13
C SER A 967 -9.73 4.02 -23.27
N TRP A 968 -10.54 2.98 -23.49
CA TRP A 968 -10.24 2.01 -24.53
C TRP A 968 -10.29 2.65 -25.91
N GLN A 969 -11.12 3.69 -26.07
CA GLN A 969 -11.15 4.43 -27.33
C GLN A 969 -9.84 5.17 -27.57
N VAL A 970 -9.21 5.68 -26.50
CA VAL A 970 -7.88 6.26 -26.64
C VAL A 970 -6.88 5.17 -27.06
N ALA A 971 -6.99 4.00 -26.43
CA ALA A 971 -6.08 2.91 -26.79
C ALA A 971 -6.20 2.56 -28.27
N LYS A 972 -7.43 2.50 -28.70
CA LYS A 972 -7.76 2.26 -30.05
C LYS A 972 -7.47 3.39 -31.00
N GLY A 973 -7.63 4.63 -30.58
CA GLY A 973 -7.39 5.76 -31.45
C GLY A 973 -8.66 6.21 -32.09
N ILE A 974 -9.72 6.04 -31.37
CA ILE A 974 -11.02 6.34 -31.84
C ILE A 974 -11.48 7.62 -31.24
N LEU A 975 -12.09 8.48 -32.04
CA LEU A 975 -12.63 9.72 -31.55
C LEU A 975 -14.08 9.60 -31.92
N PRO A 976 -14.91 9.49 -30.91
CA PRO A 976 -16.34 9.14 -31.00
C PRO A 976 -17.14 10.16 -31.80
N ASP A 977 -18.06 9.65 -32.61
CA ASP A 977 -18.86 10.48 -33.50
C ASP A 977 -20.21 10.87 -32.92
N ARG A 978 -20.74 10.13 -31.95
CA ARG A 978 -22.15 10.22 -31.60
C ARG A 978 -22.34 10.74 -30.18
N ALA A 979 -23.30 11.65 -30.04
CA ALA A 979 -23.64 12.29 -28.78
C ALA A 979 -24.85 11.63 -28.14
N VAL A 980 -24.93 11.76 -26.81
CA VAL A 980 -25.91 10.99 -26.05
C VAL A 980 -27.33 11.35 -26.44
N VAL A 981 -28.13 10.33 -26.73
CA VAL A 981 -29.59 10.43 -26.76
C VAL A 981 -30.13 9.56 -25.63
N GLN A 982 -30.91 10.17 -24.73
CA GLN A 982 -31.23 9.56 -23.44
C GLN A 982 -31.86 8.18 -23.64
N GLY A 983 -33.01 8.11 -24.32
CA GLY A 983 -33.78 6.88 -24.36
C GLY A 983 -33.21 5.79 -25.24
N LYS A 984 -32.34 6.15 -26.19
CA LYS A 984 -31.91 5.23 -27.23
C LYS A 984 -30.51 4.69 -26.94
N ASP A 985 -30.19 3.60 -27.63
CA ASP A 985 -28.84 3.04 -27.58
C ASP A 985 -27.90 3.86 -28.46
N GLU A 986 -26.64 3.46 -28.52
CA GLU A 986 -25.62 4.32 -29.10
C GLU A 986 -25.77 4.44 -30.61
N GLU A 987 -26.31 3.42 -31.29
CA GLU A 987 -26.57 3.55 -32.72
C GLU A 987 -27.56 4.67 -33.02
N ASP A 988 -28.61 4.79 -32.21
CA ASP A 988 -29.60 5.84 -32.43
C ASP A 988 -29.18 7.18 -31.84
N TRP A 989 -27.90 7.36 -31.51
CA TRP A 989 -27.42 8.62 -30.98
C TRP A 989 -27.18 9.63 -32.10
N GLN A 990 -27.00 10.89 -31.68
CA GLN A 990 -26.86 12.01 -32.60
C GLN A 990 -25.49 11.99 -33.26
N LEU A 991 -25.46 11.73 -34.56
CA LEU A 991 -24.24 11.91 -35.33
C LEU A 991 -23.76 13.35 -35.23
N ILE A 992 -22.45 13.54 -35.11
CA ILE A 992 -21.83 14.85 -35.09
C ILE A 992 -21.12 15.07 -36.41
N ASP A 993 -21.34 16.24 -37.00
CA ASP A 993 -20.79 16.57 -38.32
C ASP A 993 -20.50 18.07 -38.34
N ASP A 994 -20.23 18.60 -39.55
CA ASP A 994 -19.83 19.99 -39.70
C ASP A 994 -20.86 20.96 -39.12
N SER A 995 -22.11 20.55 -38.99
CA SER A 995 -23.18 21.42 -38.51
C SER A 995 -23.23 21.55 -37.00
N PHE A 996 -22.19 21.10 -36.27
CA PHE A 996 -22.14 21.21 -34.82
C PHE A 996 -20.99 22.09 -34.38
N ASN A 997 -21.28 23.03 -33.48
CA ASN A 997 -20.27 23.93 -32.92
C ASN A 997 -19.67 23.32 -31.66
N PHE A 998 -18.42 22.90 -31.75
CA PHE A 998 -17.67 22.44 -30.59
C PHE A 998 -17.40 23.56 -29.61
N LYS A 999 -17.92 23.42 -28.40
CA LYS A 999 -17.59 24.39 -27.35
C LYS A 999 -16.26 24.04 -26.69
N PHE A 1000 -16.18 22.89 -26.03
CA PHE A 1000 -15.02 22.54 -25.22
C PHE A 1000 -15.09 21.06 -24.86
N SER A 1001 -14.10 20.64 -24.10
CA SER A 1001 -13.97 19.28 -23.61
C SER A 1001 -14.07 19.30 -22.12
N LEU A 1002 -14.40 18.19 -21.48
CA LEU A 1002 -14.58 18.28 -20.05
C LEU A 1002 -14.04 17.04 -19.36
N HIS A 1003 -13.09 17.16 -18.44
CA HIS A 1003 -12.43 16.05 -17.72
C HIS A 1003 -12.95 16.17 -16.30
N PRO A 1004 -12.56 15.28 -15.45
CA PRO A 1004 -13.04 15.33 -14.09
C PRO A 1004 -12.51 16.52 -13.36
N ASN A 1005 -13.29 17.01 -12.44
CA ASN A 1005 -13.00 18.23 -11.67
C ASN A 1005 -12.64 19.43 -12.54
N ASP A 1006 -13.05 19.48 -13.80
CA ASP A 1006 -13.06 20.78 -14.46
C ASP A 1006 -14.23 21.60 -13.96
N LEU A 1007 -14.02 22.91 -13.89
CA LEU A 1007 -15.03 23.81 -13.35
C LEU A 1007 -15.99 24.16 -14.47
N VAL A 1008 -17.29 24.01 -14.21
CA VAL A 1008 -18.33 24.17 -15.21
C VAL A 1008 -19.39 25.09 -14.64
N GLU A 1009 -20.07 25.83 -15.49
CA GLU A 1009 -21.17 26.63 -15.01
C GLU A 1009 -22.35 26.32 -15.87
N VAL A 1010 -23.47 26.02 -15.26
CA VAL A 1010 -24.63 25.69 -16.02
C VAL A 1010 -25.76 26.52 -15.57
N ILE A 1011 -26.39 27.22 -16.48
CA ILE A 1011 -27.50 28.07 -16.12
C ILE A 1011 -28.79 27.51 -16.68
N THR A 1012 -29.71 27.19 -15.80
CA THR A 1012 -30.92 26.56 -16.23
C THR A 1012 -32.10 27.26 -15.74
N LYS A 1013 -32.23 28.42 -16.29
CA LYS A 1013 -33.42 29.25 -16.09
C LYS A 1013 -34.30 28.74 -14.95
N LYS A 1014 -34.03 27.57 -14.39
CA LYS A 1014 -34.54 27.26 -13.06
C LYS A 1014 -33.55 27.69 -11.99
N ALA A 1015 -32.28 27.38 -12.20
CA ALA A 1015 -31.24 27.77 -11.27
C ALA A 1015 -29.95 27.98 -12.03
N ARG A 1016 -28.95 28.53 -11.38
CA ARG A 1016 -27.67 28.65 -12.00
C ARG A 1016 -26.75 27.81 -11.17
N MET A 1017 -25.96 26.94 -11.76
CA MET A 1017 -25.12 26.11 -10.94
C MET A 1017 -23.75 26.05 -11.49
N PHE A 1018 -22.81 26.02 -10.58
CA PHE A 1018 -21.42 26.12 -10.85
C PHE A 1018 -20.68 25.16 -10.00
N GLY A 1019 -19.77 24.52 -10.66
CA GLY A 1019 -18.97 23.60 -10.01
C GLY A 1019 -17.78 23.19 -10.76
N TYR A 1020 -17.76 21.92 -10.58
CA TYR A 1020 -16.74 20.90 -10.81
C TYR A 1020 -17.31 19.61 -11.35
N PHE A 1021 -17.08 19.35 -12.62
CA PHE A 1021 -17.58 18.18 -13.27
C PHE A 1021 -17.17 16.93 -12.60
N ALA A 1022 -18.06 15.99 -12.45
CA ALA A 1022 -17.72 14.77 -11.81
C ALA A 1022 -17.96 13.59 -12.67
N SER A 1023 -19.18 13.43 -13.10
CA SER A 1023 -19.63 12.30 -13.88
C SER A 1023 -20.55 12.77 -15.00
N CYS A 1024 -20.70 11.95 -16.02
CA CYS A 1024 -21.65 12.21 -17.08
C CYS A 1024 -22.41 10.94 -17.24
N HIS A 1025 -23.72 10.97 -17.37
CA HIS A 1025 -24.50 9.75 -17.48
C HIS A 1025 -24.80 9.44 -18.88
N ARG A 1026 -24.33 8.33 -19.41
CA ARG A 1026 -24.64 8.01 -20.78
C ARG A 1026 -26.08 7.68 -21.02
N GLY A 1027 -26.71 7.04 -20.08
CA GLY A 1027 -28.08 6.69 -20.24
C GLY A 1027 -28.96 7.87 -20.24
N THR A 1028 -28.65 8.82 -19.38
CA THR A 1028 -29.41 10.01 -19.25
C THR A 1028 -28.90 11.24 -19.94
N GLY A 1029 -27.64 11.35 -20.21
CA GLY A 1029 -27.14 12.54 -20.87
C GLY A 1029 -26.89 13.74 -19.99
N ASN A 1030 -27.04 13.58 -18.71
CA ASN A 1030 -26.84 14.63 -17.77
C ASN A 1030 -25.50 14.59 -17.17
N ILE A 1031 -25.19 15.61 -16.41
CA ILE A 1031 -23.89 15.65 -15.75
C ILE A 1031 -24.12 15.62 -14.24
N ASN A 1032 -23.03 15.41 -13.52
CA ASN A 1032 -23.01 15.51 -12.07
C ASN A 1032 -21.89 16.46 -11.70
N ILE A 1033 -22.13 17.35 -10.74
CA ILE A 1033 -21.11 18.32 -10.34
C ILE A 1033 -20.96 18.30 -8.83
N ARG A 1034 -19.72 18.40 -8.37
CA ARG A 1034 -19.42 18.56 -6.97
C ARG A 1034 -19.42 20.04 -6.62
N ILE A 1035 -20.07 20.35 -5.51
CA ILE A 1035 -19.96 21.68 -4.89
C ILE A 1035 -18.61 21.74 -4.21
N HIS A 1036 -17.87 22.82 -4.49
CA HIS A 1036 -16.47 22.97 -4.08
C HIS A 1036 -16.21 22.49 -2.66
N ASP A 1037 -17.12 22.79 -1.74
CA ASP A 1037 -16.95 22.41 -0.34
C ASP A 1037 -17.59 21.07 0.01
N LEU A 1038 -18.16 20.36 -0.97
CA LEU A 1038 -18.89 19.11 -0.74
C LEU A 1038 -19.81 19.20 0.46
N ASP A 1039 -20.56 20.31 0.53
CA ASP A 1039 -21.47 20.53 1.64
C ASP A 1039 -22.61 19.52 1.55
N HIS A 1040 -22.66 18.60 2.52
CA HIS A 1040 -23.59 17.49 2.48
C HIS A 1040 -25.05 17.90 2.64
N LYS A 1041 -25.34 19.20 2.80
CA LYS A 1041 -26.74 19.61 2.90
C LYS A 1041 -27.35 19.86 1.53
N ILE A 1042 -26.56 20.28 0.54
CA ILE A 1042 -27.07 20.54 -0.79
C ILE A 1042 -26.64 19.41 -1.72
N GLY A 1043 -27.52 19.08 -2.66
CA GLY A 1043 -27.28 17.93 -3.50
C GLY A 1043 -27.34 16.65 -2.69
N LYS A 1044 -26.81 15.58 -3.29
CA LYS A 1044 -26.69 14.28 -2.64
C LYS A 1044 -25.26 14.15 -2.10
N ASN A 1045 -25.10 14.37 -0.79
CA ASN A 1045 -23.79 14.37 -0.14
C ASN A 1045 -22.82 15.36 -0.80
N GLY A 1046 -23.35 16.47 -1.29
CA GLY A 1046 -22.52 17.49 -1.91
C GLY A 1046 -22.36 17.37 -3.42
N ILE A 1047 -23.09 16.48 -4.07
CA ILE A 1047 -23.00 16.27 -5.51
C ILE A 1047 -24.36 16.54 -6.12
N LEU A 1048 -24.40 17.46 -7.09
CA LEU A 1048 -25.64 17.74 -7.81
C LEU A 1048 -25.81 16.69 -8.90
N GLU A 1049 -26.60 15.67 -8.60
CA GLU A 1049 -26.78 14.54 -9.50
C GLU A 1049 -27.94 14.79 -10.47
N GLY A 1050 -27.67 14.65 -11.76
CA GLY A 1050 -28.71 14.70 -12.77
C GLY A 1050 -29.00 16.08 -13.32
N ILE A 1051 -27.96 16.85 -13.64
CA ILE A 1051 -28.13 18.20 -14.15
C ILE A 1051 -28.18 18.15 -15.66
N GLY A 1052 -29.32 18.55 -16.23
CA GLY A 1052 -29.48 18.52 -17.67
C GLY A 1052 -28.82 19.73 -18.32
N VAL A 1053 -28.27 19.51 -19.52
CA VAL A 1053 -27.54 20.57 -20.23
C VAL A 1053 -28.01 20.65 -21.67
N LYS A 1054 -29.12 19.97 -22.01
CA LYS A 1054 -29.64 20.04 -23.37
C LYS A 1054 -30.29 21.39 -23.63
N THR A 1055 -31.32 21.73 -22.85
CA THR A 1055 -31.99 23.02 -22.93
C THR A 1055 -31.24 24.12 -22.20
N ALA A 1056 -29.97 23.90 -21.89
CA ALA A 1056 -29.22 24.83 -21.06
C ALA A 1056 -29.07 26.19 -21.77
N LEU A 1057 -29.40 27.26 -21.03
CA LEU A 1057 -29.16 28.60 -21.54
C LEU A 1057 -27.66 28.82 -21.75
N SER A 1058 -26.88 28.60 -20.70
CA SER A 1058 -25.44 28.76 -20.82
C SER A 1058 -24.75 27.58 -20.18
N PHE A 1059 -23.72 27.09 -20.85
CA PHE A 1059 -22.95 25.93 -20.40
C PHE A 1059 -21.50 26.18 -20.79
N GLN A 1060 -20.68 26.55 -19.82
CA GLN A 1060 -19.35 27.03 -20.18
C GLN A 1060 -18.31 26.56 -19.16
N LYS A 1061 -17.11 26.30 -19.66
CA LYS A 1061 -16.02 25.77 -18.83
C LYS A 1061 -15.12 26.89 -18.33
N TYR A 1062 -14.67 26.73 -17.09
CA TYR A 1062 -13.88 27.67 -16.32
C TYR A 1062 -12.52 27.05 -16.02
N GLN A 1063 -11.62 27.85 -15.44
CA GLN A 1063 -10.47 27.33 -14.73
C GLN A 1063 -10.33 28.04 -13.40
N ILE A 1064 -9.50 27.46 -12.54
CA ILE A 1064 -9.27 28.03 -11.23
C ILE A 1064 -7.87 27.66 -10.79
N ASP A 1065 -7.28 28.51 -9.96
CA ASP A 1065 -5.89 28.33 -9.58
C ASP A 1065 -5.82 27.48 -8.30
N GLU A 1066 -4.63 27.46 -7.70
CA GLU A 1066 -4.40 26.62 -6.53
C GLU A 1066 -5.07 27.20 -5.30
N LEU A 1067 -5.25 28.51 -5.27
CA LEU A 1067 -5.68 29.20 -4.07
C LEU A 1067 -7.19 29.32 -3.97
N GLY A 1068 -7.90 29.15 -5.07
CA GLY A 1068 -9.28 29.57 -5.16
C GLY A 1068 -9.44 30.96 -5.73
N LYS A 1069 -8.39 31.48 -6.31
CA LYS A 1069 -8.37 32.78 -6.89
C LYS A 1069 -8.24 32.61 -8.39
N GLU A 1070 -8.52 33.66 -9.14
CA GLU A 1070 -8.44 33.62 -10.59
C GLU A 1070 -9.27 32.63 -11.35
N ILE A 1071 -10.57 32.71 -11.10
CA ILE A 1071 -11.49 31.88 -11.78
C ILE A 1071 -11.67 32.51 -13.12
N ARG A 1072 -11.18 31.87 -14.15
CA ARG A 1072 -11.31 32.44 -15.45
C ARG A 1072 -11.89 31.54 -16.50
N PRO A 1073 -13.07 31.85 -17.02
CA PRO A 1073 -13.57 31.00 -18.08
C PRO A 1073 -12.71 30.99 -19.31
N CYS A 1074 -12.53 29.83 -19.89
CA CYS A 1074 -11.77 29.61 -21.10
C CYS A 1074 -12.64 28.94 -22.15
N ARG A 1075 -12.33 29.20 -23.41
CA ARG A 1075 -13.07 28.63 -24.54
C ARG A 1075 -12.10 27.89 -25.44
N LEU A 1076 -12.45 26.66 -25.81
CA LEU A 1076 -11.61 25.89 -26.70
C LEU A 1076 -11.73 26.41 -28.13
N LYS A 1077 -10.64 26.28 -28.88
CA LYS A 1077 -10.60 26.73 -30.27
C LYS A 1077 -10.96 25.63 -31.25
N LYS A 1078 -10.24 24.51 -31.17
CA LYS A 1078 -10.42 23.37 -32.07
C LYS A 1078 -10.57 22.11 -31.22
N ARG A 1079 -11.44 21.22 -31.64
CA ARG A 1079 -11.66 20.03 -30.87
C ARG A 1079 -10.46 19.20 -30.99
N PRO A 1080 -9.96 18.78 -29.85
CA PRO A 1080 -8.80 17.99 -29.48
C PRO A 1080 -8.90 16.54 -29.79
N PRO A 1081 -7.86 16.01 -30.37
CA PRO A 1081 -7.82 14.61 -30.71
C PRO A 1081 -7.57 13.83 -29.48
N VAL A 1082 -7.36 12.56 -29.66
CA VAL A 1082 -7.14 11.74 -28.53
C VAL A 1082 -5.84 11.05 -28.60
N ARG A 1083 -4.98 11.44 -29.50
CA ARG A 1083 -3.73 10.77 -29.60
C ARG A 1083 -2.70 11.71 -30.15
MG MG E . -8.11 -14.47 3.48
C1 EDO F . -14.46 -11.96 -12.10
O1 EDO F . -14.21 -13.20 -11.42
C2 EDO F . -13.15 -11.40 -12.66
O2 EDO F . -12.61 -12.29 -13.66
#